data_8T8E
#
_entry.id   8T8E
#
_cell.length_a   1.00
_cell.length_b   1.00
_cell.length_c   1.00
_cell.angle_alpha   90.00
_cell.angle_beta   90.00
_cell.angle_gamma   90.00
#
_symmetry.space_group_name_H-M   'P 1'
#
loop_
_entity.id
_entity.type
_entity.pdbx_description
1 polymer 'Structural maintenance of chromosomes protein 6'
2 polymer 'Non-structural maintenance of chromosome element 5'
3 polymer 'DNA repair protein KRE29'
#
loop_
_entity_poly.entity_id
_entity_poly.type
_entity_poly.pdbx_seq_one_letter_code
_entity_poly.pdbx_strand_id
1 'polypeptide(L)'
;MISTTISGKRPIEQVDDELLSLTAQQENEEQQQQRKRRRHQFAPMTQFNSNTLDEDSGFRSSSDVATADQDNFLEESPSG
YIKKVILRNFMCHEHFELELGSRLNFIVGNNGSGKSAILTAITIGLGAKASETNRGSSLKDLIREGCYSAKIILHLDNSK
YGAYQQGIFGNEIIVERIIKRDGPASFSLRSENGKEISNKKKDIQTVVDYFSVPVSNPMCFLSQDAARSFLTASTSQDKY
SHFMKGTLLQEITENLLYASAIHDSAQENMALHLENLKSLKAEYEDAKKLLRELNQTSDLNERKMLLQAKSLWIDVAHNT
DACKNLENEISGIQQKVDEVTEKIRNRQEKIERYTSDGTTIEAQIDAKVIYVNEKDSEHQNARELLRDVKSRFEKEKSNQ
AEAQSNIDQGRKKVDALNKTIAHLEEELTKEMGGDKDQMRQELEQLEKANEKLREVNNSLVVSLQDVKNEERDIQHERES
ELRTISRSIQNKKVELQNIAKGNDTFLMNFDRNMDRLLRTIEQRKNEFETPAIGPLGSLVTIRKGFEKWTRSIQRAISSS
LNAFVVSNPKDNRLFRDIMRSCGIRSNIPIVTYCLSQFDYSKGRAHGNYPTIVDALEFSKPEIECLFVDLSRIERIVLIE
DKNEARNFLQRNPVNVNMALSLRDRRSGFQLSGGYRLDTVTYQDKIRLKVNSSSDNGTQYLKDLIEQETKELQNIRDRYE
EKLSEVRSRLKEIDGRLKSTKNEMRKTNFRMTELKMNVGKVVDTGILNSKINERKNQEQAIASYEAAKEELGLKIEQIAQ
EAQPIKEQYDSTKLALVEAQDELQQLKEDINSRQSKIQKYKDDTIYYEDKKKVYLENIKKIEVNVAALKEGIQRQIQNAC
AFCSKERIENVDLPDTQEEIKRELDKVSRMIQKAEKSLGLSQEEVIALFEKCRNKYKEGQKKYMEIDEALNRLHNSLKAR
DQNYKNAEKGTCFDADMDFRASLKVRKFSGNLSFIKDTKSLEIYILTTNDEKARNVDTLSGGEKSFSQMALLLATWKPMR
SRIIALDQFDVFMDQVNRKIGTTLIVKKLKDIARTQTIIITPQDIGKIADIDSSGVSIHRMRDPERQNNSNFYN
;
A
2 'polypeptide(L)'
;MDGALINSVLYVSPRNGAHYFVELTEKHLLAFEMLNSMCLLENYDHVLLFLECQFGKSHNLAVIPFDIILVLFTLSTLSE
YYKEPILRANDPYNTSRETLSRRALKLLQKYLAILKEFDSEQYNLYDLELLRCQFFLAIDTLTPKKQKWGFDRFRRTKSE
SGVTYRQNASVDPELDQAKTFKNPYRSYISCLEQRNTILGNRLLNLKLNEPGEFINMILWTLSNSLQESTPLFLSSHEIW
MPLLEILIDLFSCRQDYFIQHEVAQNVSKSLFVQRLSESPLAVFFESLNTRNFANRFSEYVFLNCDYKLPSDNYATPVHP
VYNGENTIVDTYIPTIKCSPLYKSQKSLALRRKLIGSCFKLLLRVPDGHRLITPRIVADDVIQGISRTLASFNDILQFKK
FFMTENLSQESYFIPLLAEGTLSEILKDTQECVVILTLVENLSDGVSFCNEVIGLVKSKCFAFTEQCSQASYEEAVLNIE
KCDVCLLVLLRYLLHLIGTEAILDAKEQLEMLHAIEKNDSGRRQWAKALNLGNDPPLLYPIVSQMFGVHDKSVIIE
;
C
3 'polypeptide(L)'
;MGSVNSSPNEEFETVPDSQISGFDSPLIPTSVGSYFRDDDDDEKVHPNFISDPENDSLNSDEEFSSLENSDLNLSGAKAE
SGDDFDPILKRTIISKRKAPSNNEDEEIVKTPRKLVNYVPLKIFNLGDSFDDTITTTVAKLQDLKKEILDSPRSNKSIVI
TSNTVAKSELQKSIKFSGSIPEIYLDVVTKETISDKYKDWHFISKNCHYEQLMDLEMKDTAYSFLFGSSRSQGKVPEFVH
LKCPSITNLLVLFGVNQEKCNSLKINYEKKENSRYDNLCTIFPVNKMLKFLMYFYSDDDNDDVREFFLKAFICLILDRKV
FNAMESDHRLCFKVLELFNEAHFINSYFEIVDKNDFFLHYRLLQIFPHLQSALLRRRFSEKQGRTETIQQNIIKEFNEFF
DCKNYKNLLYFILTMYGSKFIPFGPKCQVTEYFKDCILDISNETTNDVEISILKGILNLFSKIR
;
B
#
# COMPACT_ATOMS: atom_id res chain seq x y z
N GLU A 76 6.62 -35.83 12.26
CA GLU A 76 7.56 -35.39 13.27
C GLU A 76 8.59 -34.45 12.66
N SER A 77 9.74 -34.33 13.33
CA SER A 77 10.80 -33.49 12.83
C SER A 77 11.32 -34.02 11.49
N PRO A 78 11.54 -33.15 10.51
CA PRO A 78 12.11 -33.61 9.23
C PRO A 78 13.50 -34.20 9.44
N SER A 79 13.84 -35.16 8.58
CA SER A 79 15.09 -35.88 8.67
C SER A 79 16.29 -34.94 8.64
N GLY A 80 17.40 -35.39 9.20
CA GLY A 80 18.61 -34.60 9.19
C GLY A 80 19.08 -34.20 10.57
N TYR A 81 18.77 -35.02 11.57
CA TYR A 81 19.20 -34.79 12.95
C TYR A 81 20.11 -35.93 13.40
N ILE A 82 21.04 -35.61 14.29
CA ILE A 82 22.04 -36.59 14.72
C ILE A 82 21.43 -37.52 15.76
N LYS A 83 21.52 -38.82 15.51
CA LYS A 83 21.05 -39.82 16.47
C LYS A 83 22.10 -40.09 17.54
N LYS A 84 23.26 -40.59 17.13
CA LYS A 84 24.30 -41.03 18.05
C LYS A 84 25.65 -40.49 17.59
N VAL A 85 26.52 -40.26 18.57
CA VAL A 85 27.89 -39.83 18.33
C VAL A 85 28.82 -40.73 19.13
N ILE A 86 29.80 -41.33 18.45
CA ILE A 86 30.75 -42.24 19.08
C ILE A 86 32.16 -41.74 18.78
N LEU A 87 32.99 -41.65 19.82
CA LEU A 87 34.37 -41.21 19.70
C LEU A 87 35.31 -42.37 19.96
N ARG A 88 36.61 -42.12 19.73
CA ARG A 88 37.63 -43.14 19.98
C ARG A 88 38.97 -42.43 20.16
N ASN A 89 39.49 -42.46 21.39
CA ASN A 89 40.79 -41.89 21.73
C ASN A 89 40.91 -40.44 21.25
N PHE A 90 40.06 -39.60 21.82
CA PHE A 90 40.08 -38.17 21.53
C PHE A 90 40.90 -37.43 22.58
N MET A 91 40.78 -36.10 22.60
CA MET A 91 41.65 -35.27 23.42
C MET A 91 41.52 -35.62 24.89
N CYS A 92 40.30 -35.84 25.38
CA CYS A 92 40.08 -36.33 26.73
C CYS A 92 39.16 -37.55 26.81
N HIS A 93 38.58 -37.99 25.71
CA HIS A 93 37.70 -39.14 25.70
C HIS A 93 38.37 -40.32 25.02
N GLU A 94 38.46 -41.45 25.75
CA GLU A 94 39.01 -42.68 25.19
C GLU A 94 37.98 -43.43 24.36
N HIS A 95 36.75 -43.55 24.87
CA HIS A 95 35.66 -44.18 24.14
C HIS A 95 34.37 -43.51 24.60
N PHE A 96 33.91 -42.53 23.83
CA PHE A 96 32.77 -41.71 24.20
C PHE A 96 31.57 -42.05 23.34
N GLU A 97 30.40 -42.11 23.96
CA GLU A 97 29.15 -42.37 23.24
C GLU A 97 28.06 -41.50 23.82
N LEU A 98 27.44 -40.69 22.96
CA LEU A 98 26.33 -39.82 23.34
C LEU A 98 25.17 -40.03 22.39
N GLU A 99 23.96 -39.79 22.89
CA GLU A 99 22.75 -39.86 22.08
C GLU A 99 21.96 -38.57 22.26
N LEU A 100 21.58 -37.96 21.15
CA LEU A 100 20.89 -36.68 21.16
C LEU A 100 19.50 -36.82 20.54
N GLY A 101 18.66 -35.81 20.80
CA GLY A 101 17.32 -35.76 20.28
C GLY A 101 17.20 -34.82 19.09
N SER A 102 15.98 -34.74 18.57
CA SER A 102 15.67 -33.95 17.39
C SER A 102 15.28 -32.52 17.73
N ARG A 103 15.68 -32.02 18.90
CA ARG A 103 15.35 -30.67 19.32
C ARG A 103 16.48 -30.16 20.20
N LEU A 104 16.20 -29.11 20.97
CA LEU A 104 17.15 -28.55 21.91
C LEU A 104 17.73 -29.63 22.81
N ASN A 105 19.04 -29.84 22.70
CA ASN A 105 19.75 -30.93 23.38
C ASN A 105 20.88 -30.36 24.22
N PHE A 106 20.61 -30.13 25.51
CA PHE A 106 21.66 -29.74 26.43
C PHE A 106 22.55 -30.93 26.78
N ILE A 107 23.85 -30.65 26.93
CA ILE A 107 24.78 -31.56 27.57
C ILE A 107 25.62 -30.76 28.55
N VAL A 108 25.96 -31.36 29.68
CA VAL A 108 26.52 -30.64 30.82
C VAL A 108 27.80 -31.31 31.28
N GLY A 109 28.51 -30.63 32.18
CA GLY A 109 29.76 -31.11 32.73
C GLY A 109 30.41 -30.09 33.63
N ASN A 110 31.71 -29.87 33.46
CA ASN A 110 32.42 -28.80 34.17
C ASN A 110 33.59 -28.35 33.29
N ASN A 111 34.33 -27.36 33.78
CA ASN A 111 35.43 -26.80 33.00
C ASN A 111 36.52 -27.85 32.78
N GLY A 112 37.07 -27.87 31.57
CA GLY A 112 38.11 -28.83 31.23
C GLY A 112 37.70 -30.28 31.32
N SER A 113 36.48 -30.59 30.90
CA SER A 113 35.97 -31.97 30.93
C SER A 113 35.82 -32.57 29.54
N GLY A 114 36.39 -31.94 28.51
CA GLY A 114 36.19 -32.41 27.16
C GLY A 114 34.93 -31.91 26.49
N LYS A 115 34.28 -30.89 27.06
CA LYS A 115 33.07 -30.35 26.45
C LYS A 115 33.37 -29.72 25.09
N SER A 116 34.53 -29.06 24.96
CA SER A 116 34.94 -28.54 23.67
C SER A 116 35.37 -29.64 22.72
N ALA A 117 35.79 -30.79 23.25
CA ALA A 117 36.25 -31.88 22.39
C ALA A 117 35.13 -32.41 21.51
N ILE A 118 33.93 -32.58 22.06
CA ILE A 118 32.83 -33.12 21.28
C ILE A 118 32.39 -32.13 20.21
N LEU A 119 32.37 -30.83 20.52
CA LEU A 119 32.03 -29.83 19.51
C LEU A 119 33.07 -29.78 18.40
N THR A 120 34.35 -29.86 18.77
CA THR A 120 35.40 -29.88 17.75
C THR A 120 35.26 -31.11 16.86
N ALA A 121 34.97 -32.27 17.47
CA ALA A 121 34.78 -33.50 16.70
C ALA A 121 33.59 -33.38 15.76
N ILE A 122 32.47 -32.83 16.25
CA ILE A 122 31.28 -32.72 15.42
C ILE A 122 31.48 -31.71 14.29
N THR A 123 32.33 -30.70 14.49
CA THR A 123 32.66 -29.80 13.40
C THR A 123 33.57 -30.49 12.38
N ILE A 124 34.60 -31.17 12.86
CA ILE A 124 35.57 -31.81 11.96
C ILE A 124 34.98 -33.03 11.28
N GLY A 125 34.04 -33.72 11.91
CA GLY A 125 33.49 -34.92 11.33
C GLY A 125 32.66 -34.73 10.08
N LEU A 126 32.34 -33.49 9.71
CA LEU A 126 31.55 -33.23 8.53
C LEU A 126 32.32 -32.50 7.44
N GLY A 127 32.80 -31.28 7.71
CA GLY A 127 33.47 -30.51 6.67
C GLY A 127 34.69 -29.73 7.07
N ALA A 128 35.02 -29.70 8.35
CA ALA A 128 36.12 -28.86 8.82
C ALA A 128 37.47 -29.42 8.39
N LYS A 129 38.45 -28.54 8.29
CA LYS A 129 39.80 -28.89 7.90
C LYS A 129 40.71 -28.96 9.13
N ALA A 130 41.99 -29.24 8.89
CA ALA A 130 42.94 -29.37 9.98
C ALA A 130 43.18 -28.04 10.69
N SER A 131 43.09 -26.93 9.97
CA SER A 131 43.33 -25.60 10.53
C SER A 131 42.09 -24.72 10.38
N GLU A 132 40.91 -25.31 10.54
CA GLU A 132 39.65 -24.58 10.46
C GLU A 132 39.07 -24.27 11.83
N THR A 133 39.84 -24.50 12.90
CA THR A 133 39.37 -24.24 14.25
C THR A 133 40.28 -23.30 15.04
N ASN A 134 41.50 -23.04 14.59
CA ASN A 134 42.48 -22.19 15.26
C ASN A 134 42.85 -22.69 16.64
N ARG A 135 42.50 -23.93 16.98
CA ARG A 135 42.91 -24.56 18.22
C ARG A 135 43.85 -25.73 18.01
N GLY A 136 43.59 -26.57 17.01
CA GLY A 136 44.50 -27.63 16.62
C GLY A 136 45.22 -27.25 15.34
N SER A 137 46.54 -27.42 15.35
CA SER A 137 47.36 -27.00 14.23
C SER A 137 47.24 -27.92 13.02
N SER A 138 46.88 -29.18 13.22
CA SER A 138 46.80 -30.14 12.13
C SER A 138 45.70 -31.15 12.45
N LEU A 139 45.72 -32.28 11.74
CA LEU A 139 44.80 -33.38 11.98
C LEU A 139 45.41 -34.47 12.85
N LYS A 140 46.61 -34.22 13.41
CA LYS A 140 47.29 -35.17 14.25
C LYS A 140 47.33 -34.79 15.71
N ASP A 141 47.34 -33.49 16.04
CA ASP A 141 47.33 -33.07 17.44
C ASP A 141 46.02 -33.41 18.12
N LEU A 142 44.96 -33.68 17.37
CA LEU A 142 43.70 -34.10 17.95
C LEU A 142 43.82 -35.41 18.71
N ILE A 143 44.68 -36.31 18.24
CA ILE A 143 44.91 -37.57 18.94
C ILE A 143 45.62 -37.30 20.25
N ARG A 144 45.11 -37.87 21.34
CA ARG A 144 45.74 -37.72 22.63
C ARG A 144 47.15 -38.31 22.59
N GLU A 145 48.08 -37.65 23.28
CA GLU A 145 49.45 -38.16 23.35
C GLU A 145 49.47 -39.57 23.91
N GLY A 146 50.30 -40.42 23.32
CA GLY A 146 50.35 -41.82 23.63
C GLY A 146 49.48 -42.70 22.76
N CYS A 147 48.33 -42.19 22.31
CA CYS A 147 47.46 -42.93 21.42
C CYS A 147 48.03 -42.95 20.01
N TYR A 148 47.57 -43.92 19.22
CA TYR A 148 48.10 -44.13 17.88
C TYR A 148 47.26 -43.46 16.80
N SER A 149 45.93 -43.57 16.87
CA SER A 149 45.06 -42.98 15.87
C SER A 149 43.79 -42.50 16.55
N ALA A 150 42.80 -42.10 15.76
CA ALA A 150 41.51 -41.66 16.28
C ALA A 150 40.42 -41.98 15.28
N LYS A 151 39.19 -42.07 15.78
CA LYS A 151 38.04 -42.44 14.97
C LYS A 151 36.84 -41.62 15.40
N ILE A 152 36.08 -41.13 14.43
CA ILE A 152 34.85 -40.37 14.66
C ILE A 152 33.75 -40.99 13.80
N ILE A 153 32.57 -41.16 14.39
CA ILE A 153 31.45 -41.76 13.66
C ILE A 153 30.14 -41.13 14.12
N LEU A 154 29.34 -40.67 13.17
CA LEU A 154 28.07 -40.01 13.45
C LEU A 154 26.93 -40.71 12.73
N HIS A 155 25.72 -40.50 13.24
CA HIS A 155 24.52 -41.10 12.68
C HIS A 155 23.51 -40.01 12.38
N LEU A 156 22.95 -40.04 11.17
CA LEU A 156 21.97 -39.05 10.74
C LEU A 156 20.64 -39.75 10.46
N ASP A 157 19.55 -39.19 10.97
CA ASP A 157 18.23 -39.78 10.82
C ASP A 157 17.69 -39.52 9.41
N ASN A 158 17.09 -40.56 8.82
CA ASN A 158 16.37 -40.44 7.54
C ASN A 158 15.04 -41.17 7.66
N SER A 159 14.04 -40.48 8.17
CA SER A 159 12.69 -41.04 8.21
C SER A 159 11.63 -40.10 7.63
N LYS A 160 11.73 -38.81 7.91
CA LYS A 160 10.80 -37.82 7.40
C LYS A 160 11.37 -37.23 6.10
N TYR A 161 10.81 -36.11 5.65
CA TYR A 161 11.32 -35.39 4.49
C TYR A 161 12.82 -35.22 4.58
N GLY A 162 13.52 -35.51 3.49
CA GLY A 162 14.96 -35.47 3.44
C GLY A 162 15.65 -36.82 3.41
N ALA A 163 14.90 -37.92 3.29
CA ALA A 163 15.48 -39.26 3.23
C ALA A 163 15.74 -39.59 1.76
N TYR A 164 16.84 -39.03 1.26
CA TYR A 164 17.25 -39.28 -0.13
C TYR A 164 17.65 -40.72 -0.32
N GLN A 165 17.14 -41.34 -1.39
CA GLN A 165 17.43 -42.73 -1.77
C GLN A 165 17.53 -43.63 -0.54
N GLN A 166 16.49 -43.58 0.30
CA GLN A 166 16.49 -44.30 1.56
C GLN A 166 16.57 -45.82 1.34
N GLY A 167 16.16 -46.29 0.17
CA GLY A 167 16.24 -47.71 -0.11
C GLY A 167 17.66 -48.23 -0.22
N ILE A 168 18.60 -47.35 -0.61
CA ILE A 168 19.99 -47.76 -0.76
C ILE A 168 20.60 -48.09 0.59
N PHE A 169 20.41 -47.21 1.57
CA PHE A 169 20.99 -47.41 2.90
C PHE A 169 19.97 -47.95 3.89
N GLY A 170 18.88 -47.21 4.08
CA GLY A 170 17.87 -47.58 5.06
C GLY A 170 17.18 -46.36 5.66
N ASN A 171 17.12 -46.30 6.99
CA ASN A 171 16.51 -45.17 7.68
C ASN A 171 17.52 -44.27 8.36
N GLU A 172 18.82 -44.48 8.14
CA GLU A 172 19.84 -43.63 8.73
C GLU A 172 21.09 -43.68 7.87
N ILE A 173 21.96 -42.69 8.07
CA ILE A 173 23.22 -42.55 7.36
C ILE A 173 24.35 -42.55 8.37
N ILE A 174 25.38 -43.36 8.12
CA ILE A 174 26.53 -43.48 9.00
C ILE A 174 27.77 -43.04 8.24
N VAL A 175 28.55 -42.14 8.83
CA VAL A 175 29.82 -41.70 8.27
C VAL A 175 30.94 -42.19 9.17
N GLU A 176 32.13 -42.30 8.61
CA GLU A 176 33.30 -42.79 9.36
C GLU A 176 34.51 -41.94 8.99
N ARG A 177 35.07 -41.27 9.99
CA ARG A 177 36.24 -40.40 9.82
C ARG A 177 37.36 -40.98 10.68
N ILE A 178 38.27 -41.72 10.06
CA ILE A 178 39.38 -42.37 10.75
C ILE A 178 40.65 -41.63 10.39
N ILE A 179 41.39 -41.18 11.40
CA ILE A 179 42.65 -40.46 11.21
C ILE A 179 43.76 -41.29 11.83
N LYS A 180 44.75 -41.65 11.01
CA LYS A 180 45.86 -42.48 11.43
C LYS A 180 47.06 -41.62 11.83
N ARG A 181 48.06 -42.26 12.43
CA ARG A 181 49.26 -41.55 12.81
C ARG A 181 50.02 -41.03 11.60
N ASP A 182 50.00 -41.77 10.49
CA ASP A 182 50.67 -41.33 9.27
C ASP A 182 49.88 -41.87 8.08
N GLY A 183 49.51 -40.99 7.16
CA GLY A 183 48.78 -41.36 5.98
C GLY A 183 47.53 -40.53 5.78
N PRO A 184 46.85 -40.74 4.66
CA PRO A 184 45.61 -40.00 4.40
C PRO A 184 44.50 -40.42 5.35
N ALA A 185 43.56 -39.50 5.56
CA ALA A 185 42.40 -39.77 6.41
C ALA A 185 41.25 -40.25 5.54
N SER A 186 40.73 -41.44 5.86
CA SER A 186 39.62 -42.00 5.11
C SER A 186 38.30 -41.38 5.54
N PHE A 187 37.43 -41.14 4.57
CA PHE A 187 36.15 -40.47 4.79
C PHE A 187 35.01 -41.42 4.46
N SER A 188 35.12 -42.66 4.93
CA SER A 188 34.21 -43.72 4.49
C SER A 188 32.78 -43.44 4.94
N LEU A 189 31.82 -43.69 4.06
CA LEU A 189 30.40 -43.50 4.32
C LEU A 189 29.76 -44.88 4.43
N ARG A 190 28.95 -45.08 5.47
CA ARG A 190 28.34 -46.37 5.73
C ARG A 190 26.82 -46.30 5.58
N SER A 191 26.22 -47.49 5.50
CA SER A 191 24.79 -47.65 5.36
C SER A 191 24.17 -48.02 6.71
N GLU A 192 22.89 -48.40 6.69
CA GLU A 192 22.18 -48.71 7.93
C GLU A 192 22.89 -49.81 8.72
N ASN A 193 23.31 -50.88 8.05
CA ASN A 193 23.96 -52.00 8.71
C ASN A 193 25.45 -51.80 8.90
N GLY A 194 25.97 -50.59 8.66
CA GLY A 194 27.34 -50.27 9.00
C GLY A 194 28.39 -50.66 7.98
N LYS A 195 28.00 -51.11 6.79
CA LYS A 195 28.96 -51.43 5.76
C LYS A 195 29.31 -50.18 4.94
N GLU A 196 30.57 -50.09 4.55
CA GLU A 196 31.02 -48.95 3.75
C GLU A 196 30.34 -48.96 2.39
N ILE A 197 29.83 -47.79 1.99
CA ILE A 197 29.24 -47.62 0.67
C ILE A 197 29.96 -46.57 -0.16
N SER A 198 30.73 -45.67 0.46
CA SER A 198 31.50 -44.67 -0.27
C SER A 198 32.64 -44.20 0.61
N ASN A 199 33.65 -43.61 -0.02
CA ASN A 199 34.81 -43.07 0.69
C ASN A 199 35.20 -41.67 0.24
N LYS A 200 34.59 -41.14 -0.82
CA LYS A 200 34.99 -39.84 -1.34
C LYS A 200 34.50 -38.72 -0.43
N LYS A 201 35.33 -37.69 -0.27
CA LYS A 201 34.92 -36.52 0.50
C LYS A 201 33.72 -35.82 -0.11
N LYS A 202 33.62 -35.85 -1.45
CA LYS A 202 32.51 -35.17 -2.12
C LYS A 202 31.17 -35.79 -1.75
N ASP A 203 31.12 -37.11 -1.56
CA ASP A 203 29.86 -37.76 -1.20
C ASP A 203 29.40 -37.31 0.18
N ILE A 204 30.28 -37.38 1.18
CA ILE A 204 29.88 -36.94 2.51
C ILE A 204 29.58 -35.45 2.52
N GLN A 205 30.27 -34.67 1.68
CA GLN A 205 30.01 -33.24 1.62
C GLN A 205 28.62 -32.95 1.05
N THR A 206 28.22 -33.65 0.00
CA THR A 206 26.89 -33.40 -0.56
C THR A 206 25.81 -33.94 0.36
N VAL A 207 26.11 -35.00 1.13
CA VAL A 207 25.17 -35.44 2.15
C VAL A 207 24.99 -34.37 3.21
N VAL A 208 26.09 -33.78 3.67
CA VAL A 208 26.02 -32.75 4.71
C VAL A 208 25.28 -31.53 4.20
N ASP A 209 25.58 -31.10 2.98
CA ASP A 209 24.97 -29.90 2.42
C ASP A 209 23.56 -30.12 1.90
N TYR A 210 23.12 -31.38 1.74
CA TYR A 210 21.74 -31.62 1.36
C TYR A 210 20.80 -31.39 2.53
N PHE A 211 21.13 -31.99 3.67
CA PHE A 211 20.30 -31.86 4.85
C PHE A 211 20.35 -30.44 5.35
N SER A 212 20.77 -29.52 4.48
CA SER A 212 20.92 -28.10 4.74
C SER A 212 21.90 -27.74 5.87
N VAL A 213 22.83 -28.65 6.13
CA VAL A 213 23.83 -28.46 7.15
C VAL A 213 24.75 -27.31 6.77
N PRO A 214 24.99 -26.40 7.72
CA PRO A 214 25.85 -25.23 7.54
C PRO A 214 27.26 -25.49 8.03
N VAL A 215 27.80 -26.65 7.69
CA VAL A 215 29.15 -27.04 8.09
C VAL A 215 30.18 -25.96 7.78
N SER A 216 30.15 -25.47 6.55
CA SER A 216 31.08 -24.44 6.11
C SER A 216 31.05 -23.22 7.03
N ASN A 217 29.85 -22.75 7.32
CA ASN A 217 29.68 -21.58 8.18
C ASN A 217 30.44 -21.67 9.50
N PRO A 218 31.09 -20.57 9.89
CA PRO A 218 31.87 -20.46 11.11
C PRO A 218 31.09 -19.73 12.21
N MET A 219 29.78 -19.89 12.22
CA MET A 219 28.95 -19.24 13.21
C MET A 219 27.99 -20.24 13.84
N CYS A 220 27.34 -21.03 13.00
CA CYS A 220 26.39 -22.03 13.45
C CYS A 220 26.96 -22.95 14.52
N PHE A 221 28.16 -23.45 14.29
CA PHE A 221 28.81 -24.32 15.26
C PHE A 221 29.85 -23.53 16.02
N LEU A 222 29.44 -22.38 16.54
CA LEU A 222 30.33 -21.51 17.28
C LEU A 222 31.12 -22.21 18.37
N SER A 223 32.39 -21.84 18.48
CA SER A 223 33.33 -22.37 19.45
C SER A 223 33.20 -21.58 20.74
N GLN A 224 33.97 -21.98 21.76
CA GLN A 224 33.94 -21.25 23.02
C GLN A 224 34.44 -19.82 22.84
N ASP A 225 35.49 -19.64 22.04
CA ASP A 225 36.01 -18.30 21.78
C ASP A 225 35.32 -17.61 20.63
N ALA A 226 34.86 -18.36 19.62
CA ALA A 226 34.12 -17.76 18.52
C ALA A 226 32.81 -17.15 19.01
N ALA A 227 32.07 -17.88 19.85
CA ALA A 227 30.85 -17.32 20.43
C ALA A 227 31.16 -16.21 21.41
N ARG A 228 32.28 -16.31 22.13
CA ARG A 228 32.69 -15.23 23.02
C ARG A 228 33.00 -13.96 22.26
N SER A 229 33.39 -14.05 20.99
CA SER A 229 33.65 -12.86 20.20
C SER A 229 32.38 -12.06 19.93
N PHE A 230 31.23 -12.73 19.85
CA PHE A 230 29.96 -12.04 19.67
C PHE A 230 29.43 -11.49 20.99
N LEU A 231 29.17 -12.40 21.94
CA LEU A 231 28.56 -12.03 23.22
C LEU A 231 29.65 -11.47 24.14
N THR A 232 30.13 -10.28 23.79
CA THR A 232 31.13 -9.58 24.58
C THR A 232 30.91 -8.09 24.39
N ALA A 233 31.82 -7.29 24.94
CA ALA A 233 31.75 -5.84 24.81
C ALA A 233 31.84 -5.42 23.35
N SER A 234 30.74 -4.91 22.81
CA SER A 234 30.66 -4.49 21.42
C SER A 234 30.22 -3.04 21.34
N THR A 235 30.46 -2.44 20.17
CA THR A 235 30.03 -1.08 19.88
C THR A 235 28.98 -1.11 18.78
N SER A 236 28.55 0.07 18.34
CA SER A 236 27.51 0.15 17.33
C SER A 236 27.96 -0.47 16.01
N GLN A 237 29.13 -0.07 15.51
CA GLN A 237 29.65 -0.62 14.27
C GLN A 237 30.59 -1.80 14.52
N ASP A 238 30.14 -2.75 15.33
CA ASP A 238 30.79 -4.03 15.52
C ASP A 238 29.78 -5.17 15.44
N LYS A 239 28.60 -4.98 16.02
CA LYS A 239 27.54 -5.96 15.88
C LYS A 239 27.05 -6.06 14.44
N TYR A 240 27.10 -4.94 13.71
CA TYR A 240 26.79 -4.98 12.28
C TYR A 240 27.75 -5.90 11.55
N SER A 241 29.04 -5.78 11.83
CA SER A 241 30.03 -6.64 11.19
C SER A 241 29.81 -8.10 11.55
N HIS A 242 29.56 -8.37 12.84
CA HIS A 242 29.32 -9.75 13.26
C HIS A 242 28.08 -10.34 12.60
N PHE A 243 26.99 -9.58 12.56
CA PHE A 243 25.75 -10.06 11.96
C PHE A 243 25.93 -10.29 10.46
N MET A 244 26.62 -9.37 9.77
CA MET A 244 26.80 -9.51 8.35
C MET A 244 27.69 -10.70 8.00
N LYS A 245 28.80 -10.87 8.74
CA LYS A 245 29.67 -12.00 8.51
C LYS A 245 28.98 -13.32 8.81
N GLY A 246 28.23 -13.37 9.91
CA GLY A 246 27.54 -14.61 10.27
C GLY A 246 26.45 -14.98 9.29
N THR A 247 25.77 -13.99 8.73
CA THR A 247 24.63 -14.21 7.85
C THR A 247 25.06 -14.42 6.39
N LEU A 248 26.36 -14.44 6.12
CA LEU A 248 26.89 -14.58 4.76
C LEU A 248 26.48 -13.40 3.89
N LEU A 249 26.34 -12.23 4.50
CA LEU A 249 26.05 -10.99 3.78
C LEU A 249 27.29 -10.14 3.57
N GLN A 250 28.45 -10.57 4.06
CA GLN A 250 29.74 -9.99 3.70
C GLN A 250 30.47 -10.89 2.72
N GLU A 251 29.71 -11.63 1.92
CA GLU A 251 30.26 -12.49 0.88
C GLU A 251 29.76 -12.01 -0.48
N ILE A 252 28.50 -11.59 -0.55
CA ILE A 252 27.95 -11.05 -1.78
C ILE A 252 28.24 -9.56 -1.93
N THR A 253 28.59 -8.86 -0.85
CA THR A 253 29.03 -7.47 -0.94
C THR A 253 30.53 -7.36 -1.15
N GLU A 254 31.19 -8.47 -1.42
CA GLU A 254 32.58 -8.49 -1.88
C GLU A 254 32.75 -9.26 -3.18
N ASN A 255 32.00 -10.35 -3.36
CA ASN A 255 31.99 -11.06 -4.64
C ASN A 255 31.35 -10.22 -5.74
N LEU A 256 30.59 -9.18 -5.39
CA LEU A 256 29.94 -8.31 -6.37
C LEU A 256 30.22 -6.85 -6.06
N LEU A 257 31.36 -6.55 -5.44
CA LEU A 257 31.76 -5.18 -5.21
C LEU A 257 33.05 -4.81 -5.94
N TYR A 258 33.72 -5.78 -6.56
CA TYR A 258 34.87 -5.48 -7.41
C TYR A 258 34.46 -4.98 -8.79
N ALA A 259 33.21 -4.58 -8.96
CA ALA A 259 32.72 -3.99 -10.20
C ALA A 259 33.31 -2.62 -10.46
N SER A 260 33.99 -2.02 -9.48
CA SER A 260 34.68 -0.76 -9.67
C SER A 260 35.90 -0.88 -10.59
N ALA A 261 36.30 -2.12 -10.91
CA ALA A 261 37.38 -2.36 -11.86
C ALA A 261 37.01 -3.30 -12.98
N ILE A 262 35.97 -4.14 -12.81
CA ILE A 262 35.56 -5.06 -13.87
C ILE A 262 34.60 -4.41 -14.85
N HIS A 263 33.84 -3.40 -14.44
CA HIS A 263 33.02 -2.62 -15.35
C HIS A 263 33.62 -1.29 -15.73
N ASP A 264 34.58 -0.78 -14.97
CA ASP A 264 35.20 0.51 -15.20
C ASP A 264 36.53 0.42 -15.90
N SER A 265 37.48 -0.33 -15.33
CA SER A 265 38.83 -0.43 -15.90
C SER A 265 38.97 -1.54 -16.93
N ALA A 266 37.96 -2.39 -17.08
CA ALA A 266 38.00 -3.48 -18.05
C ALA A 266 37.30 -3.13 -19.36
N GLN A 267 37.17 -1.83 -19.66
CA GLN A 267 36.56 -1.39 -20.90
C GLN A 267 37.34 -0.29 -21.59
N GLU A 268 38.43 0.19 -21.00
CA GLU A 268 39.19 1.32 -21.56
C GLU A 268 40.31 0.78 -22.44
N ASN A 269 39.93 0.39 -23.66
CA ASN A 269 40.89 -0.08 -24.65
C ASN A 269 40.64 0.54 -26.03
N MET A 270 39.66 1.43 -26.15
CA MET A 270 39.39 2.10 -27.42
C MET A 270 39.13 3.59 -27.25
N ALA A 271 39.45 4.15 -26.08
CA ALA A 271 39.23 5.56 -25.82
C ALA A 271 40.49 6.23 -25.29
N ALA A 949 30.40 -6.74 -29.14
CA ALA A 949 29.77 -6.31 -27.89
C ALA A 949 30.39 -7.03 -26.69
N LEU A 950 31.36 -6.39 -26.05
CA LEU A 950 32.03 -6.94 -24.88
C LEU A 950 31.41 -6.45 -23.57
N ASN A 951 30.31 -5.69 -23.63
CA ASN A 951 29.65 -5.18 -22.44
C ASN A 951 28.53 -6.09 -21.95
N ARG A 952 28.46 -7.32 -22.47
CA ARG A 952 27.46 -8.27 -21.99
C ARG A 952 27.71 -8.63 -20.53
N LEU A 953 28.98 -8.63 -20.12
CA LEU A 953 29.31 -8.91 -18.72
C LEU A 953 28.72 -7.87 -17.79
N HIS A 954 28.78 -6.60 -18.19
CA HIS A 954 28.18 -5.54 -17.37
C HIS A 954 26.66 -5.66 -17.35
N ASN A 955 26.08 -6.29 -18.38
CA ASN A 955 24.64 -6.48 -18.40
C ASN A 955 24.20 -7.47 -17.32
N SER A 956 24.92 -8.58 -17.18
CA SER A 956 24.58 -9.55 -16.15
C SER A 956 24.87 -9.00 -14.76
N LEU A 957 25.97 -8.27 -14.60
CA LEU A 957 26.33 -7.71 -13.30
C LEU A 957 25.34 -6.69 -12.80
N LYS A 958 24.65 -5.93 -13.66
CA LYS A 958 23.60 -5.03 -13.21
C LYS A 958 22.33 -5.76 -12.81
N ALA A 959 22.05 -6.92 -13.39
CA ALA A 959 20.93 -7.76 -12.99
C ALA A 959 21.34 -8.72 -11.87
N ARG A 960 22.38 -8.36 -11.13
CA ARG A 960 22.83 -9.16 -9.99
C ARG A 960 22.93 -8.37 -8.70
N ASP A 961 22.97 -7.04 -8.75
CA ASP A 961 22.82 -6.23 -7.56
C ASP A 961 21.39 -6.20 -7.05
N GLN A 962 20.42 -6.53 -7.91
CA GLN A 962 19.06 -6.77 -7.46
C GLN A 962 19.01 -7.97 -6.52
N ASN A 963 19.76 -9.03 -6.87
CA ASN A 963 19.80 -10.25 -6.08
C ASN A 963 20.32 -10.00 -4.67
N TYR A 964 21.30 -9.11 -4.54
CA TYR A 964 21.83 -8.77 -3.22
C TYR A 964 20.90 -7.88 -2.43
N LYS A 965 20.26 -6.89 -3.06
CA LYS A 965 19.39 -5.98 -2.34
C LYS A 965 18.02 -6.56 -2.07
N ASN A 966 17.64 -7.63 -2.77
CA ASN A 966 16.41 -8.36 -2.50
C ASN A 966 16.67 -9.60 -1.66
N ALA A 967 17.89 -9.77 -1.17
CA ALA A 967 18.25 -10.81 -0.21
C ALA A 967 18.92 -10.18 0.99
N GLU A 968 18.87 -8.85 1.07
CA GLU A 968 19.29 -8.11 2.25
C GLU A 968 18.07 -7.35 2.76
N LYS A 969 16.92 -7.64 2.16
CA LYS A 969 15.63 -7.14 2.60
C LYS A 969 14.66 -8.32 2.59
N GLY A 970 14.58 -9.02 3.72
CA GLY A 970 13.93 -10.31 3.77
C GLY A 970 14.86 -11.28 4.48
N THR A 971 16.10 -10.84 4.68
CA THR A 971 17.07 -11.55 5.50
C THR A 971 17.51 -10.69 6.68
N CYS A 972 17.58 -9.37 6.50
CA CYS A 972 17.77 -8.50 7.66
C CYS A 972 16.44 -8.05 8.24
N PHE A 973 15.32 -8.46 7.67
CA PHE A 973 14.00 -8.26 8.24
C PHE A 973 13.51 -9.44 9.06
N ASP A 974 13.94 -10.66 8.74
CA ASP A 974 13.64 -11.82 9.56
C ASP A 974 14.46 -11.87 10.84
N ALA A 975 15.63 -11.25 10.86
CA ALA A 975 16.45 -11.15 12.06
C ALA A 975 16.06 -9.95 12.91
N ASP A 976 15.13 -9.14 12.45
CA ASP A 976 14.59 -8.03 13.21
C ASP A 976 13.21 -8.30 13.79
N MET A 977 12.44 -9.21 13.18
CA MET A 977 11.17 -9.62 13.76
C MET A 977 11.37 -10.55 14.94
N ASP A 978 12.42 -11.39 14.91
CA ASP A 978 12.73 -12.32 15.99
C ASP A 978 13.65 -11.68 17.02
N PHE A 979 13.72 -10.36 17.02
CA PHE A 979 14.32 -9.61 18.11
C PHE A 979 13.32 -8.83 18.92
N ARG A 980 12.18 -8.44 18.33
CA ARG A 980 11.06 -7.89 19.07
C ARG A 980 10.22 -8.97 19.71
N ALA A 981 10.28 -10.21 19.22
CA ALA A 981 9.56 -11.33 19.80
C ALA A 981 10.39 -12.07 20.83
N SER A 982 11.63 -11.65 21.05
CA SER A 982 12.46 -12.18 22.11
C SER A 982 12.73 -11.16 23.20
N LEU A 983 12.32 -9.91 22.99
CA LEU A 983 12.32 -8.90 24.05
C LEU A 983 11.03 -8.89 24.84
N LYS A 984 10.11 -9.81 24.53
CA LYS A 984 8.83 -9.89 25.21
C LYS A 984 8.81 -10.98 26.28
N VAL A 985 9.98 -11.47 26.68
CA VAL A 985 10.11 -12.37 27.82
C VAL A 985 10.72 -11.66 29.02
N ARG A 986 11.01 -10.37 28.88
CA ARG A 986 11.36 -9.53 30.01
C ARG A 986 10.41 -8.34 30.13
N LYS A 987 9.36 -8.39 29.32
CA LYS A 987 8.38 -7.33 29.23
C LYS A 987 9.05 -6.02 28.87
N PHE A 988 9.80 -6.09 27.78
CA PHE A 988 10.48 -4.97 27.13
C PHE A 988 9.88 -4.76 25.75
N SER A 989 10.35 -3.72 25.07
CA SER A 989 10.01 -3.49 23.68
C SER A 989 11.22 -2.86 22.99
N GLY A 990 11.23 -2.89 21.68
CA GLY A 990 12.30 -2.24 20.94
C GLY A 990 12.59 -2.97 19.65
N ASN A 991 13.67 -2.54 19.01
CA ASN A 991 14.07 -3.09 17.73
C ASN A 991 15.55 -2.80 17.51
N LEU A 992 16.03 -3.14 16.31
CA LEU A 992 17.41 -2.90 15.91
C LEU A 992 17.42 -2.35 14.49
N SER A 993 18.27 -1.35 14.24
CA SER A 993 18.26 -0.63 12.98
C SER A 993 19.61 -0.77 12.29
N PHE A 994 19.59 -1.17 11.02
CA PHE A 994 20.78 -1.24 10.20
C PHE A 994 21.03 0.10 9.52
N ILE A 995 22.24 0.62 9.67
CA ILE A 995 22.64 1.87 9.03
C ILE A 995 23.75 1.54 8.04
N LYS A 996 23.41 1.50 6.75
CA LYS A 996 24.40 1.20 5.72
C LYS A 996 25.37 2.36 5.53
N ASP A 997 24.93 3.59 5.83
CA ASP A 997 25.83 4.75 5.73
C ASP A 997 26.98 4.61 6.71
N THR A 998 26.69 4.15 7.93
CA THR A 998 27.71 3.94 8.94
C THR A 998 28.03 2.47 9.17
N LYS A 999 27.29 1.56 8.55
CA LYS A 999 27.39 0.13 8.79
C LYS A 999 27.27 -0.16 10.30
N SER A 1000 26.13 0.25 10.84
CA SER A 1000 25.90 0.24 12.28
C SER A 1000 24.64 -0.55 12.63
N LEU A 1001 24.62 -1.04 13.86
CA LEU A 1001 23.55 -1.88 14.41
C LEU A 1001 23.02 -1.29 15.71
N GLU A 1002 22.69 0.01 15.68
CA GLU A 1002 22.09 0.64 16.84
C GLU A 1002 20.79 -0.07 17.21
N ILE A 1003 20.70 -0.51 18.46
CA ILE A 1003 19.54 -1.22 18.98
C ILE A 1003 18.86 -0.31 19.99
N TYR A 1004 17.55 -0.09 19.80
CA TYR A 1004 16.77 0.76 20.66
C TYR A 1004 15.82 -0.09 21.50
N ILE A 1005 15.79 0.17 22.80
CA ILE A 1005 15.01 -0.61 23.74
C ILE A 1005 14.20 0.33 24.63
N LEU A 1006 13.10 -0.19 25.17
CA LEU A 1006 12.18 0.57 26.01
C LEU A 1006 11.67 -0.38 27.09
N THR A 1007 11.86 0.01 28.35
CA THR A 1007 11.50 -0.82 29.49
C THR A 1007 10.12 -0.43 30.01
N THR A 1008 9.63 -1.22 30.96
CA THR A 1008 8.32 -0.95 31.55
C THR A 1008 8.31 0.38 32.28
N ASN A 1009 9.38 0.68 33.02
CA ASN A 1009 9.46 1.93 33.77
C ASN A 1009 9.90 3.10 32.90
N ASP A 1010 10.29 2.86 31.65
CA ASP A 1010 10.76 3.93 30.77
C ASP A 1010 9.61 4.49 29.96
N GLU A 1011 9.74 5.77 29.60
CA GLU A 1011 8.73 6.45 28.80
C GLU A 1011 9.13 6.63 27.33
N LYS A 1012 10.42 6.64 27.03
CA LYS A 1012 10.91 6.84 25.68
C LYS A 1012 12.12 5.94 25.47
N ALA A 1013 12.13 5.21 24.36
CA ALA A 1013 13.19 4.25 24.10
C ALA A 1013 14.55 4.95 24.00
N ARG A 1014 15.54 4.38 24.65
CA ARG A 1014 16.91 4.87 24.62
C ARG A 1014 17.81 3.83 23.97
N ASN A 1015 19.05 4.24 23.72
CA ASN A 1015 20.04 3.33 23.16
C ASN A 1015 20.44 2.27 24.18
N VAL A 1016 20.88 1.11 23.68
CA VAL A 1016 21.24 0.01 24.56
C VAL A 1016 22.38 0.40 25.48
N ASP A 1017 23.37 1.13 24.97
CA ASP A 1017 24.54 1.46 25.77
C ASP A 1017 24.25 2.61 26.72
N THR A 1018 23.16 2.50 27.47
CA THR A 1018 22.83 3.44 28.53
C THR A 1018 22.29 2.75 29.78
N LEU A 1019 22.19 1.42 29.77
CA LEU A 1019 21.59 0.65 30.84
C LEU A 1019 22.67 -0.07 31.63
N SER A 1020 22.24 -0.91 32.58
CA SER A 1020 23.16 -1.70 33.38
C SER A 1020 23.65 -2.91 32.58
N GLY A 1021 24.38 -3.80 33.26
CA GLY A 1021 24.92 -4.97 32.57
C GLY A 1021 23.85 -5.95 32.13
N GLY A 1022 22.81 -6.13 32.94
CA GLY A 1022 21.84 -7.19 32.68
C GLY A 1022 21.09 -7.00 31.39
N GLU A 1023 20.56 -5.80 31.16
CA GLU A 1023 19.78 -5.57 29.95
C GLU A 1023 20.65 -5.61 28.71
N LYS A 1024 21.87 -5.08 28.79
CA LYS A 1024 22.80 -5.18 27.66
C LYS A 1024 23.12 -6.62 27.33
N SER A 1025 23.38 -7.44 28.36
CA SER A 1025 23.66 -8.85 28.13
C SER A 1025 22.47 -9.56 27.51
N PHE A 1026 21.26 -9.27 28.01
CA PHE A 1026 20.07 -9.87 27.46
C PHE A 1026 19.86 -9.47 26.01
N SER A 1027 20.09 -8.19 25.69
CA SER A 1027 19.93 -7.71 24.33
C SER A 1027 20.93 -8.38 23.39
N GLN A 1028 22.18 -8.52 23.83
CA GLN A 1028 23.18 -9.16 22.99
C GLN A 1028 22.89 -10.65 22.80
N MET A 1029 22.39 -11.33 23.83
CA MET A 1029 21.97 -12.72 23.65
C MET A 1029 20.80 -12.82 22.68
N ALA A 1030 19.86 -11.86 22.75
CA ALA A 1030 18.75 -11.83 21.81
C ALA A 1030 19.24 -11.62 20.38
N LEU A 1031 20.23 -10.75 20.20
CA LEU A 1031 20.81 -10.55 18.87
C LEU A 1031 21.53 -11.82 18.39
N LEU A 1032 22.23 -12.50 19.30
CA LEU A 1032 22.87 -13.77 18.95
C LEU A 1032 21.85 -14.78 18.47
N LEU A 1033 20.70 -14.86 19.15
CA LEU A 1033 19.64 -15.75 18.71
C LEU A 1033 19.06 -15.30 17.37
N ALA A 1034 18.90 -13.99 17.17
CA ALA A 1034 18.30 -13.47 15.96
C ALA A 1034 19.18 -13.72 14.74
N THR A 1035 20.50 -13.75 14.92
CA THR A 1035 21.41 -13.95 13.81
C THR A 1035 21.15 -15.28 13.11
N TRP A 1036 20.87 -16.34 13.87
CA TRP A 1036 20.64 -17.66 13.30
C TRP A 1036 19.32 -17.77 12.56
N LYS A 1037 18.36 -16.87 12.80
CA LYS A 1037 17.01 -17.06 12.25
C LYS A 1037 16.97 -17.01 10.74
N PRO A 1038 17.53 -15.99 10.05
CA PRO A 1038 17.34 -15.92 8.59
C PRO A 1038 17.93 -17.08 7.84
N MET A 1039 19.05 -17.62 8.30
CA MET A 1039 19.76 -18.70 7.61
C MET A 1039 19.19 -20.04 8.05
N ARG A 1040 18.50 -20.70 7.14
CA ARG A 1040 17.76 -21.94 7.42
C ARG A 1040 18.74 -23.10 7.49
N SER A 1041 19.23 -23.36 8.70
CA SER A 1041 20.13 -24.48 8.96
C SER A 1041 19.31 -25.68 9.44
N ARG A 1042 20.02 -26.72 9.88
CA ARG A 1042 19.39 -27.86 10.52
C ARG A 1042 20.07 -28.28 11.81
N ILE A 1043 21.32 -27.89 12.05
CA ILE A 1043 22.02 -28.17 13.28
C ILE A 1043 22.72 -26.89 13.73
N ILE A 1044 22.54 -26.53 15.00
CA ILE A 1044 23.18 -25.35 15.58
C ILE A 1044 23.80 -25.76 16.91
N ALA A 1045 25.02 -25.31 17.15
CA ALA A 1045 25.70 -25.55 18.41
C ALA A 1045 26.08 -24.22 19.05
N LEU A 1046 26.61 -24.31 20.27
CA LEU A 1046 27.07 -23.14 21.02
C LEU A 1046 27.85 -23.67 22.21
N ASP A 1047 28.68 -22.81 22.78
CA ASP A 1047 29.50 -23.20 23.92
C ASP A 1047 29.79 -21.96 24.76
N GLN A 1048 29.59 -22.10 26.07
CA GLN A 1048 30.01 -21.10 27.06
C GLN A 1048 29.36 -19.74 26.79
N PHE A 1049 28.04 -19.70 26.96
CA PHE A 1049 27.35 -18.42 26.93
C PHE A 1049 27.42 -17.68 28.26
N ASP A 1050 28.18 -18.19 29.22
CA ASP A 1050 28.35 -17.57 30.54
C ASP A 1050 29.62 -16.74 30.62
N VAL A 1051 30.02 -16.09 29.52
CA VAL A 1051 31.27 -15.36 29.48
C VAL A 1051 31.23 -14.18 30.46
N PHE A 1052 30.16 -13.39 30.42
CA PHE A 1052 30.03 -12.23 31.28
C PHE A 1052 28.67 -12.08 31.94
N MET A 1053 27.66 -12.85 31.54
CA MET A 1053 26.34 -12.78 32.16
C MET A 1053 26.34 -13.59 33.45
N ASP A 1054 25.84 -12.99 34.52
CA ASP A 1054 25.80 -13.66 35.80
C ASP A 1054 24.80 -14.80 35.79
N GLN A 1055 24.93 -15.70 36.77
CA GLN A 1055 24.04 -16.86 36.84
C GLN A 1055 22.59 -16.44 37.03
N VAL A 1056 22.36 -15.38 37.79
CA VAL A 1056 20.99 -14.90 38.00
C VAL A 1056 20.36 -14.49 36.67
N ASN A 1057 21.14 -13.87 35.80
CA ASN A 1057 20.67 -13.53 34.46
C ASN A 1057 20.92 -14.63 33.44
N ARG A 1058 21.89 -15.52 33.71
CA ARG A 1058 22.06 -16.67 32.85
C ARG A 1058 20.85 -17.59 32.92
N LYS A 1059 20.16 -17.61 34.05
CA LYS A 1059 18.90 -18.35 34.12
C LYS A 1059 17.86 -17.76 33.16
N ILE A 1060 17.76 -16.43 33.11
CA ILE A 1060 16.83 -15.79 32.18
C ILE A 1060 17.23 -16.10 30.75
N GLY A 1061 18.53 -16.06 30.45
CA GLY A 1061 18.99 -16.44 29.13
C GLY A 1061 18.63 -17.88 28.79
N THR A 1062 18.74 -18.78 29.77
CA THR A 1062 18.34 -20.17 29.56
C THR A 1062 16.86 -20.28 29.25
N THR A 1063 16.01 -19.58 30.01
CA THR A 1063 14.58 -19.63 29.71
C THR A 1063 14.29 -19.09 28.31
N LEU A 1064 14.98 -18.01 27.92
CA LEU A 1064 14.82 -17.47 26.57
C LEU A 1064 15.18 -18.53 25.52
N ILE A 1065 16.31 -19.19 25.72
CA ILE A 1065 16.75 -20.22 24.77
C ILE A 1065 15.73 -21.32 24.69
N VAL A 1066 15.22 -21.77 25.85
CA VAL A 1066 14.27 -22.86 25.87
C VAL A 1066 12.96 -22.50 25.16
N LYS A 1067 12.39 -21.32 25.41
CA LYS A 1067 11.15 -21.04 24.68
C LYS A 1067 11.41 -20.84 23.19
N LYS A 1068 12.49 -20.16 22.83
CA LYS A 1068 12.70 -19.84 21.42
C LYS A 1068 13.06 -21.07 20.60
N LEU A 1069 13.83 -22.01 21.16
CA LEU A 1069 14.39 -23.10 20.37
C LEU A 1069 13.68 -24.43 20.54
N LYS A 1070 13.09 -24.70 21.69
CA LYS A 1070 12.50 -26.02 21.93
C LYS A 1070 11.34 -26.31 21.00
N ASP A 1071 10.50 -25.30 20.72
CA ASP A 1071 9.31 -25.54 19.92
C ASP A 1071 9.62 -25.80 18.45
N ILE A 1072 10.78 -25.35 17.95
CA ILE A 1072 11.11 -25.55 16.55
C ILE A 1072 11.34 -27.03 16.28
N ALA A 1073 10.74 -27.53 15.20
CA ALA A 1073 10.86 -28.93 14.80
C ALA A 1073 11.84 -29.13 13.66
N ARG A 1074 12.63 -28.10 13.32
CA ARG A 1074 13.58 -28.23 12.22
C ARG A 1074 14.94 -27.61 12.53
N THR A 1075 15.36 -27.57 13.80
CA THR A 1075 16.68 -27.04 14.18
C THR A 1075 17.12 -27.77 15.43
N GLN A 1076 18.05 -28.71 15.26
CA GLN A 1076 18.52 -29.56 16.36
C GLN A 1076 19.68 -28.87 17.07
N THR A 1077 19.39 -28.22 18.18
CA THR A 1077 20.41 -27.47 18.91
C THR A 1077 21.16 -28.38 19.88
N ILE A 1078 22.48 -28.17 19.96
CA ILE A 1078 23.37 -29.03 20.73
C ILE A 1078 24.12 -28.21 21.77
N ILE A 1079 23.46 -27.20 22.35
CA ILE A 1079 24.07 -26.25 23.28
C ILE A 1079 24.91 -26.96 24.33
N ILE A 1080 26.07 -26.40 24.65
CA ILE A 1080 27.00 -26.98 25.62
C ILE A 1080 27.18 -25.97 26.75
N THR A 1081 27.02 -26.44 27.99
CA THR A 1081 27.14 -25.59 29.17
C THR A 1081 27.44 -26.48 30.37
N PRO A 1082 28.43 -26.13 31.19
CA PRO A 1082 28.83 -27.01 32.29
C PRO A 1082 27.75 -27.27 33.33
N GLN A 1083 27.21 -26.21 33.93
CA GLN A 1083 26.27 -26.37 35.03
C GLN A 1083 24.95 -26.98 34.56
N ASP A 1084 24.35 -27.79 35.42
CA ASP A 1084 23.05 -28.37 35.14
C ASP A 1084 21.97 -27.34 35.44
N ILE A 1085 21.14 -27.05 34.45
CA ILE A 1085 20.19 -25.94 34.51
C ILE A 1085 18.80 -26.41 34.14
N GLY A 1086 18.49 -27.68 34.38
CA GLY A 1086 17.15 -28.19 34.16
C GLY A 1086 16.29 -28.12 35.40
N LYS A 1087 16.29 -26.97 36.07
CA LYS A 1087 15.53 -26.83 37.31
C LYS A 1087 14.81 -25.49 37.41
N ILE A 1088 14.79 -24.67 36.36
CA ILE A 1088 14.12 -23.38 36.38
C ILE A 1088 13.08 -23.25 35.27
N ALA A 1089 13.42 -23.68 34.05
CA ALA A 1089 12.54 -23.55 32.91
C ALA A 1089 11.69 -24.82 32.75
N ASP A 1090 10.92 -24.86 31.66
CA ASP A 1090 10.04 -26.00 31.38
C ASP A 1090 10.80 -27.10 30.65
N ILE A 1091 11.88 -27.56 31.29
CA ILE A 1091 12.66 -28.66 30.73
C ILE A 1091 11.86 -29.96 30.71
N ASP A 1092 10.92 -30.14 31.64
CA ASP A 1092 10.09 -31.34 31.65
C ASP A 1092 9.18 -31.41 30.43
N SER A 1093 8.91 -30.28 29.78
CA SER A 1093 8.10 -30.28 28.58
C SER A 1093 8.81 -31.03 27.46
N SER A 1094 8.03 -31.70 26.62
CA SER A 1094 8.59 -32.48 25.52
C SER A 1094 9.29 -31.57 24.53
N GLY A 1095 10.55 -31.89 24.24
CA GLY A 1095 11.34 -31.09 23.32
C GLY A 1095 12.72 -30.75 23.86
N VAL A 1096 13.05 -31.28 25.03
CA VAL A 1096 14.35 -31.10 25.64
C VAL A 1096 14.90 -32.48 26.01
N SER A 1097 16.20 -32.67 25.79
CA SER A 1097 16.86 -33.95 25.99
C SER A 1097 18.17 -33.77 26.75
N ILE A 1098 18.10 -33.08 27.89
CA ILE A 1098 19.28 -32.81 28.70
C ILE A 1098 20.05 -34.10 28.96
N HIS A 1099 21.35 -34.06 28.75
CA HIS A 1099 22.23 -35.22 28.80
C HIS A 1099 23.48 -34.85 29.60
N ARG A 1100 24.03 -35.83 30.31
CA ARG A 1100 25.30 -35.64 30.98
C ARG A 1100 26.34 -36.63 30.48
N GLY B 17 -5.71 6.04 26.45
CA GLY B 17 -7.12 5.72 26.52
C GLY B 17 -8.00 6.93 26.79
N ALA B 18 -7.58 8.08 26.28
CA ALA B 18 -8.35 9.31 26.47
C ALA B 18 -9.76 9.16 25.88
N HIS B 19 -9.85 9.04 24.56
CA HIS B 19 -11.12 8.76 23.93
C HIS B 19 -10.87 8.07 22.59
N TYR B 20 -11.85 7.28 22.17
CA TYR B 20 -11.85 6.46 20.94
C TYR B 20 -10.65 5.53 20.87
N PHE B 21 -9.87 5.42 21.94
CA PHE B 21 -8.65 4.63 21.92
C PHE B 21 -8.99 3.15 22.11
N VAL B 22 -8.44 2.31 21.25
CA VAL B 22 -8.67 0.87 21.29
C VAL B 22 -7.34 0.18 21.46
N GLU B 23 -7.26 -0.74 22.41
CA GLU B 23 -6.02 -1.45 22.69
C GLU B 23 -5.83 -2.59 21.70
N LEU B 24 -4.61 -3.12 21.68
CA LEU B 24 -4.17 -4.05 20.64
C LEU B 24 -4.26 -5.48 21.13
N THR B 25 -5.06 -6.29 20.45
CA THR B 25 -4.98 -7.74 20.62
C THR B 25 -3.66 -8.23 20.02
N GLU B 26 -3.20 -9.38 20.52
CA GLU B 26 -1.91 -9.89 20.06
C GLU B 26 -1.92 -10.30 18.59
N LYS B 27 -3.09 -10.57 18.01
CA LYS B 27 -3.17 -10.92 16.59
C LYS B 27 -3.10 -9.69 15.68
N HIS B 28 -3.32 -8.49 16.23
CA HIS B 28 -3.07 -7.26 15.50
C HIS B 28 -1.71 -6.66 15.82
N LEU B 29 -1.17 -6.96 17.00
CA LEU B 29 0.15 -6.46 17.35
C LEU B 29 1.21 -6.99 16.41
N LEU B 30 1.08 -8.24 15.96
CA LEU B 30 2.07 -8.83 15.06
C LEU B 30 2.16 -8.03 13.76
N ALA B 31 1.01 -7.80 13.12
CA ALA B 31 0.99 -6.99 11.90
C ALA B 31 1.35 -5.55 12.18
N PHE B 32 1.16 -5.06 13.40
CA PHE B 32 1.59 -3.71 13.72
C PHE B 32 3.11 -3.59 13.78
N GLU B 33 3.78 -4.54 14.43
CA GLU B 33 5.24 -4.45 14.52
C GLU B 33 5.94 -4.94 13.26
N MET B 34 5.24 -5.67 12.40
CA MET B 34 5.86 -6.14 11.17
C MET B 34 5.86 -5.09 10.06
N LEU B 35 4.75 -4.36 9.90
CA LEU B 35 4.70 -3.29 8.92
C LEU B 35 5.72 -2.20 9.24
N ASN B 36 5.86 -1.84 10.52
CA ASN B 36 6.83 -0.82 10.88
C ASN B 36 8.26 -1.29 10.69
N SER B 37 8.53 -2.57 10.95
CA SER B 37 9.86 -3.11 10.68
C SER B 37 10.16 -3.06 9.19
N MET B 38 9.19 -3.45 8.35
CA MET B 38 9.38 -3.39 6.90
C MET B 38 9.62 -1.96 6.44
N CYS B 39 8.81 -1.02 6.93
CA CYS B 39 8.95 0.37 6.53
C CYS B 39 10.26 0.97 7.02
N LEU B 40 10.80 0.46 8.12
CA LEU B 40 12.05 1.00 8.64
C LEU B 40 13.22 0.66 7.72
N LEU B 41 13.13 -0.43 6.96
CA LEU B 41 14.18 -0.88 6.07
C LEU B 41 14.09 -0.23 4.69
N GLU B 42 13.37 0.88 4.57
CA GLU B 42 13.22 1.60 3.30
C GLU B 42 12.62 0.71 2.23
N ASN B 43 11.82 -0.27 2.64
CA ASN B 43 11.21 -1.24 1.73
C ASN B 43 9.71 -1.03 1.75
N TYR B 44 9.23 -0.13 0.89
CA TYR B 44 7.82 0.20 0.85
C TYR B 44 7.02 -0.64 -0.13
N ASP B 45 7.68 -1.28 -1.09
CA ASP B 45 6.97 -2.18 -1.99
C ASP B 45 6.33 -3.32 -1.21
N HIS B 46 7.07 -3.91 -0.29
CA HIS B 46 6.52 -4.99 0.51
C HIS B 46 5.57 -4.48 1.58
N VAL B 47 5.79 -3.27 2.09
CA VAL B 47 4.81 -2.67 3.01
C VAL B 47 3.46 -2.56 2.33
N LEU B 48 3.43 -2.02 1.11
CA LEU B 48 2.18 -1.95 0.37
C LEU B 48 1.65 -3.33 0.03
N LEU B 49 2.51 -4.25 -0.40
CA LEU B 49 2.08 -5.60 -0.73
C LEU B 49 1.48 -6.33 0.46
N PHE B 50 1.84 -5.93 1.68
CA PHE B 50 1.24 -6.54 2.87
C PHE B 50 -0.26 -6.27 2.92
N LEU B 51 -0.66 -5.04 2.63
CA LEU B 51 -2.08 -4.68 2.73
C LEU B 51 -2.89 -5.22 1.55
N GLU B 52 -2.36 -5.14 0.33
CA GLU B 52 -3.14 -5.50 -0.84
C GLU B 52 -3.38 -6.99 -0.96
N CYS B 53 -2.41 -7.82 -0.53
CA CYS B 53 -2.54 -9.26 -0.70
C CYS B 53 -3.68 -9.86 0.12
N GLN B 54 -4.20 -9.13 1.11
CA GLN B 54 -5.24 -9.64 2.00
C GLN B 54 -6.34 -8.58 2.18
N PHE B 55 -6.79 -7.99 1.08
CA PHE B 55 -7.79 -6.94 1.18
C PHE B 55 -9.21 -7.47 1.05
N GLY B 56 -9.53 -8.09 -0.09
CA GLY B 56 -10.87 -8.56 -0.33
C GLY B 56 -11.02 -10.06 -0.13
N LYS B 57 -10.06 -10.66 0.56
CA LYS B 57 -10.02 -12.12 0.68
C LYS B 57 -10.95 -12.63 1.77
N SER B 58 -10.70 -12.24 3.02
CA SER B 58 -11.41 -12.78 4.16
C SER B 58 -11.92 -11.65 5.04
N HIS B 59 -12.64 -12.04 6.10
CA HIS B 59 -13.26 -11.09 7.03
C HIS B 59 -12.30 -10.77 8.18
N ASN B 60 -11.10 -10.32 7.81
CA ASN B 60 -10.05 -10.05 8.79
C ASN B 60 -9.74 -8.57 8.96
N LEU B 61 -9.76 -7.78 7.88
CA LEU B 61 -9.54 -6.34 7.94
C LEU B 61 -8.19 -6.02 8.57
N ALA B 62 -7.13 -6.34 7.82
CA ALA B 62 -5.79 -6.06 8.30
C ALA B 62 -5.57 -4.56 8.34
N VAL B 63 -5.81 -3.96 9.50
CA VAL B 63 -5.83 -2.50 9.62
C VAL B 63 -4.41 -1.95 9.52
N ILE B 64 -4.31 -0.72 9.00
CA ILE B 64 -3.02 -0.04 8.93
C ILE B 64 -2.73 0.59 10.29
N PRO B 65 -1.51 0.44 10.83
CA PRO B 65 -1.14 1.21 12.02
C PRO B 65 -1.31 2.70 11.79
N PHE B 66 -1.40 3.49 12.87
CA PHE B 66 -1.62 4.91 12.70
C PHE B 66 -0.40 5.64 12.18
N ASP B 67 0.79 5.05 12.32
CA ASP B 67 2.00 5.64 11.76
C ASP B 67 2.33 5.11 10.38
N ILE B 68 1.56 4.15 9.88
CA ILE B 68 1.69 3.68 8.50
C ILE B 68 0.56 4.33 7.71
N ILE B 69 -0.05 5.35 8.30
CA ILE B 69 -0.92 6.28 7.59
C ILE B 69 -0.16 7.54 7.21
N LEU B 70 0.65 8.05 8.12
CA LEU B 70 1.49 9.21 7.89
C LEU B 70 2.62 8.86 6.93
N VAL B 71 2.77 7.57 6.61
CA VAL B 71 3.72 7.13 5.61
C VAL B 71 3.03 7.08 4.26
N LEU B 72 1.81 6.54 4.23
CA LEU B 72 1.02 6.59 3.01
C LEU B 72 0.52 7.99 2.68
N PHE B 73 0.48 8.89 3.66
CA PHE B 73 0.22 10.29 3.39
C PHE B 73 1.43 11.00 2.80
N THR B 74 2.63 10.44 2.98
CA THR B 74 3.85 10.99 2.40
C THR B 74 4.33 10.20 1.19
N LEU B 75 4.01 8.91 1.11
CA LEU B 75 4.24 8.19 -0.14
C LEU B 75 3.31 8.66 -1.23
N SER B 76 2.19 9.28 -0.86
CA SER B 76 1.22 9.77 -1.84
C SER B 76 1.68 11.07 -2.51
N THR B 77 2.41 11.92 -1.80
CA THR B 77 2.77 13.24 -2.30
C THR B 77 4.08 13.23 -3.08
N LEU B 78 4.46 12.09 -3.64
CA LEU B 78 5.65 12.00 -4.51
C LEU B 78 5.29 11.14 -5.71
N SER B 79 4.81 11.79 -6.77
CA SER B 79 4.43 11.12 -7.99
C SER B 79 5.56 11.17 -9.00
N GLU B 80 5.47 10.30 -10.02
CA GLU B 80 6.57 10.14 -10.96
C GLU B 80 6.77 11.37 -11.84
N TYR B 81 5.77 12.24 -11.97
CA TYR B 81 5.88 13.37 -12.88
C TYR B 81 6.99 14.34 -12.46
N TYR B 82 7.45 14.27 -11.22
CA TYR B 82 8.60 15.07 -10.80
C TYR B 82 9.65 14.28 -10.04
N LYS B 83 9.34 13.06 -9.58
CA LYS B 83 10.35 12.15 -9.02
C LYS B 83 10.19 10.81 -9.72
N GLU B 84 10.76 10.70 -10.92
CA GLU B 84 10.88 9.42 -11.62
C GLU B 84 12.13 8.64 -11.18
N PRO B 85 13.31 9.27 -11.08
CA PRO B 85 14.48 8.50 -10.65
C PRO B 85 14.33 7.85 -9.28
N ILE B 86 13.84 8.62 -8.29
CA ILE B 86 13.75 8.09 -6.94
C ILE B 86 12.76 6.95 -6.86
N LEU B 87 11.66 7.03 -7.61
CA LEU B 87 10.70 5.94 -7.65
C LEU B 87 11.23 4.71 -8.39
N ARG B 88 12.36 4.83 -9.09
CA ARG B 88 12.99 3.71 -9.76
C ARG B 88 14.20 3.16 -9.01
N ALA B 89 14.95 4.02 -8.33
CA ALA B 89 16.08 3.55 -7.51
C ALA B 89 15.63 2.79 -6.28
N ASN B 90 14.34 2.82 -5.94
CA ASN B 90 13.84 2.04 -4.81
C ASN B 90 13.58 0.59 -5.21
N ASP B 91 12.68 0.38 -6.17
CA ASP B 91 12.34 -0.96 -6.66
C ASP B 91 12.54 -0.98 -8.17
N PRO B 92 13.74 -1.30 -8.64
CA PRO B 92 14.00 -1.23 -10.08
C PRO B 92 13.41 -2.37 -10.89
N TYR B 93 12.57 -3.20 -10.28
CA TYR B 93 11.91 -4.28 -11.02
C TYR B 93 10.47 -3.95 -11.39
N ASN B 94 9.74 -3.26 -10.50
CA ASN B 94 8.38 -2.83 -10.77
C ASN B 94 7.48 -4.02 -11.10
N THR B 95 7.32 -4.88 -10.09
CA THR B 95 6.55 -6.11 -10.26
C THR B 95 5.09 -5.83 -10.54
N SER B 96 4.51 -4.85 -9.84
CA SER B 96 3.08 -4.59 -9.92
C SER B 96 2.68 -3.70 -11.08
N ARG B 97 3.65 -3.16 -11.83
CA ARG B 97 3.40 -2.21 -12.91
C ARG B 97 2.63 -1.00 -12.40
N GLU B 98 3.10 -0.44 -11.29
CA GLU B 98 2.51 0.74 -10.68
C GLU B 98 3.56 1.42 -9.82
N THR B 99 3.30 2.66 -9.46
CA THR B 99 4.25 3.46 -8.70
C THR B 99 3.92 3.38 -7.21
N LEU B 100 4.80 3.98 -6.40
CA LEU B 100 4.58 4.02 -4.95
C LEU B 100 3.53 5.04 -4.54
N SER B 101 3.23 6.02 -5.37
CA SER B 101 2.24 7.04 -5.05
C SER B 101 0.87 6.74 -5.61
N ARG B 102 0.75 5.83 -6.56
CA ARG B 102 -0.55 5.45 -7.11
C ARG B 102 -1.10 4.20 -6.45
N ARG B 103 -0.33 3.53 -5.60
CA ARG B 103 -0.84 2.46 -4.76
C ARG B 103 -1.09 2.91 -3.33
N ALA B 104 -0.28 3.85 -2.82
CA ALA B 104 -0.57 4.45 -1.52
C ALA B 104 -1.90 5.19 -1.56
N LEU B 105 -2.15 5.94 -2.63
CA LEU B 105 -3.43 6.62 -2.80
C LEU B 105 -4.57 5.62 -2.98
N LYS B 106 -4.33 4.49 -3.63
CA LYS B 106 -5.35 3.49 -3.84
C LYS B 106 -5.69 2.70 -2.58
N LEU B 107 -4.83 2.77 -1.56
CA LEU B 107 -5.12 2.16 -0.26
C LEU B 107 -5.85 3.13 0.66
N LEU B 108 -5.36 4.37 0.74
CA LEU B 108 -6.03 5.37 1.58
C LEU B 108 -7.46 5.60 1.15
N GLN B 109 -7.74 5.50 -0.15
CA GLN B 109 -9.10 5.61 -0.65
C GLN B 109 -9.85 4.28 -0.61
N LYS B 110 -9.17 3.19 -0.26
CA LYS B 110 -9.82 1.91 -0.09
C LYS B 110 -10.11 1.57 1.37
N TYR B 111 -9.26 2.02 2.28
CA TYR B 111 -9.50 1.89 3.72
C TYR B 111 -10.32 3.05 4.27
N LEU B 112 -10.71 4.00 3.42
CA LEU B 112 -11.64 5.07 3.78
C LEU B 112 -13.07 4.75 3.39
N ALA B 113 -13.27 4.10 2.24
CA ALA B 113 -14.59 3.61 1.87
C ALA B 113 -15.05 2.45 2.74
N ILE B 114 -14.15 1.88 3.54
CA ILE B 114 -14.52 0.91 4.55
C ILE B 114 -14.91 1.59 5.85
N LEU B 115 -14.17 2.64 6.23
CA LEU B 115 -14.46 3.34 7.48
C LEU B 115 -15.85 3.95 7.45
N LYS B 116 -16.21 4.62 6.37
CA LYS B 116 -17.54 5.23 6.29
C LYS B 116 -18.57 4.25 5.76
N GLU B 117 -18.54 3.04 6.27
CA GLU B 117 -19.66 2.09 6.21
C GLU B 117 -19.92 1.44 7.56
N PHE B 118 -18.87 1.12 8.31
CA PHE B 118 -18.99 0.44 9.60
C PHE B 118 -19.89 -0.79 9.51
N ASP B 119 -19.76 -1.53 8.42
CA ASP B 119 -20.57 -2.72 8.20
C ASP B 119 -20.04 -3.86 9.06
N SER B 120 -20.77 -4.21 10.11
CA SER B 120 -20.39 -5.29 11.00
C SER B 120 -20.89 -6.65 10.53
N GLU B 121 -21.61 -6.71 9.42
CA GLU B 121 -22.15 -7.97 8.94
C GLU B 121 -21.07 -8.89 8.39
N GLN B 122 -19.93 -8.35 7.97
CA GLN B 122 -18.83 -9.17 7.49
C GLN B 122 -17.57 -9.02 8.33
N TYR B 123 -17.16 -7.81 8.66
CA TYR B 123 -16.00 -7.62 9.52
C TYR B 123 -16.41 -7.85 10.97
N ASN B 124 -15.46 -7.64 11.89
CA ASN B 124 -15.74 -7.66 13.32
C ASN B 124 -15.68 -6.23 13.85
N LEU B 125 -16.56 -5.94 14.81
CA LEU B 125 -16.65 -4.57 15.30
C LEU B 125 -15.35 -4.10 15.92
N TYR B 126 -14.53 -5.03 16.43
CA TYR B 126 -13.26 -4.64 17.02
C TYR B 126 -12.32 -4.06 15.98
N ASP B 127 -12.21 -4.69 14.80
CA ASP B 127 -11.36 -4.15 13.75
C ASP B 127 -11.89 -2.81 13.25
N LEU B 128 -13.21 -2.69 13.10
CA LEU B 128 -13.78 -1.44 12.60
C LEU B 128 -13.66 -0.31 13.61
N GLU B 129 -13.58 -0.61 14.90
CA GLU B 129 -13.32 0.41 15.90
C GLU B 129 -11.84 0.69 16.08
N LEU B 130 -10.98 -0.27 15.74
CA LEU B 130 -9.54 -0.02 15.77
C LEU B 130 -9.10 0.83 14.59
N LEU B 131 -9.66 0.57 13.41
CA LEU B 131 -9.32 1.35 12.23
C LEU B 131 -9.70 2.82 12.41
N ARG B 132 -10.85 3.07 13.02
CA ARG B 132 -11.25 4.44 13.31
C ARG B 132 -10.26 5.10 14.26
N CYS B 133 -9.75 4.34 15.24
CA CYS B 133 -8.75 4.89 16.13
C CYS B 133 -7.48 5.26 15.38
N GLN B 134 -7.04 4.40 14.46
CA GLN B 134 -5.86 4.72 13.67
C GLN B 134 -6.08 5.99 12.86
N PHE B 135 -7.22 6.08 12.18
CA PHE B 135 -7.48 7.24 11.32
C PHE B 135 -7.59 8.53 12.14
N PHE B 136 -8.23 8.46 13.30
CA PHE B 136 -8.36 9.68 14.12
C PHE B 136 -7.04 10.07 14.77
N LEU B 137 -6.21 9.09 15.15
CA LEU B 137 -4.86 9.42 15.62
C LEU B 137 -4.03 10.06 14.51
N ALA B 138 -4.21 9.60 13.26
CA ALA B 138 -3.51 10.21 12.15
C ALA B 138 -3.96 11.65 11.92
N ILE B 139 -5.28 11.88 11.88
CA ILE B 139 -5.81 13.19 11.52
C ILE B 139 -5.89 14.11 12.73
N ASP B 140 -5.46 13.62 13.89
CA ASP B 140 -5.30 14.48 15.06
C ASP B 140 -3.86 14.98 15.20
N THR B 141 -2.98 14.60 14.26
CA THR B 141 -1.63 15.14 14.21
C THR B 141 -1.55 16.38 13.34
N LEU B 142 -2.49 16.57 12.42
CA LEU B 142 -2.51 17.73 11.53
C LEU B 142 -3.14 18.89 12.28
N THR B 143 -2.30 19.72 12.89
CA THR B 143 -2.74 20.87 13.67
C THR B 143 -2.27 22.13 12.94
N PRO B 144 -3.14 22.77 12.15
CA PRO B 144 -2.69 23.93 11.36
C PRO B 144 -2.31 25.11 12.25
N LYS B 145 -1.10 25.61 12.03
CA LYS B 145 -0.66 26.86 12.63
C LYS B 145 -0.98 28.04 11.71
N LYS B 146 -0.63 29.23 12.16
CA LYS B 146 -0.96 30.46 11.44
C LYS B 146 0.25 31.38 11.42
N GLN B 147 0.45 32.04 10.28
CA GLN B 147 1.50 33.05 10.14
C GLN B 147 1.25 33.90 8.90
N PHE B 181 7.42 13.04 18.01
CA PHE B 181 6.50 11.92 17.84
C PHE B 181 6.17 11.29 19.18
N LYS B 182 4.93 10.82 19.32
CA LYS B 182 4.46 10.20 20.56
C LYS B 182 3.56 9.04 20.18
N ASN B 183 4.09 7.83 20.23
CA ASN B 183 3.30 6.64 19.97
C ASN B 183 2.45 6.34 21.19
N PRO B 184 1.12 6.39 21.10
CA PRO B 184 0.29 6.14 22.28
C PRO B 184 0.30 4.71 22.76
N TYR B 185 0.73 3.77 21.93
CA TYR B 185 0.86 2.37 22.33
C TYR B 185 2.18 2.15 23.05
N ARG B 186 2.28 1.01 23.72
CA ARG B 186 3.51 0.62 24.41
C ARG B 186 4.02 -0.75 24.01
N SER B 187 3.25 -1.51 23.23
CA SER B 187 3.67 -2.88 22.89
C SER B 187 4.92 -2.88 22.02
N TYR B 188 5.02 -1.96 21.07
CA TYR B 188 6.09 -1.98 20.10
C TYR B 188 6.74 -0.61 19.98
N ILE B 189 8.00 -0.63 19.53
CA ILE B 189 8.68 0.59 19.09
C ILE B 189 8.48 0.71 17.58
N SER B 190 8.10 1.90 17.14
CA SER B 190 7.69 2.13 15.76
C SER B 190 8.73 2.96 15.03
N CYS B 191 8.47 3.20 13.75
CA CYS B 191 9.22 4.17 12.98
C CYS B 191 8.69 5.55 13.33
N LEU B 192 9.09 6.57 12.57
CA LEU B 192 8.73 7.96 12.80
C LEU B 192 9.20 8.46 14.16
N GLU B 193 9.99 7.66 14.89
CA GLU B 193 10.64 8.09 16.12
C GLU B 193 12.05 8.61 15.86
N GLN B 194 12.76 7.98 14.93
CA GLN B 194 14.04 8.47 14.44
C GLN B 194 14.03 8.77 12.96
N ARG B 195 12.99 8.36 12.23
CA ARG B 195 12.88 8.62 10.80
C ARG B 195 12.03 9.86 10.57
N ASN B 196 12.57 10.82 9.84
CA ASN B 196 11.87 12.07 9.55
C ASN B 196 11.36 12.17 8.12
N THR B 197 12.23 11.97 7.13
CA THR B 197 11.89 12.16 5.73
C THR B 197 11.73 10.81 5.03
N ILE B 198 10.79 10.75 4.10
CA ILE B 198 10.56 9.57 3.28
C ILE B 198 10.90 9.92 1.85
N LEU B 199 11.97 9.31 1.32
CA LEU B 199 12.41 9.51 -0.05
C LEU B 199 12.54 10.99 -0.39
N GLY B 200 13.17 11.74 0.50
CA GLY B 200 13.32 13.17 0.30
C GLY B 200 12.15 14.01 0.76
N ASN B 201 10.94 13.62 0.41
CA ASN B 201 9.75 14.31 0.90
C ASN B 201 9.65 14.17 2.41
N ARG B 202 9.59 15.31 3.11
CA ARG B 202 9.74 15.30 4.55
C ARG B 202 8.67 14.46 5.23
N LEU B 203 7.43 14.93 5.22
CA LEU B 203 6.30 14.23 5.80
C LEU B 203 5.07 15.11 5.58
N LEU B 204 3.89 14.56 5.85
CA LEU B 204 2.70 15.38 5.79
C LEU B 204 2.37 16.00 7.14
N ASN B 205 2.36 15.19 8.21
CA ASN B 205 2.11 15.73 9.53
C ASN B 205 3.21 16.69 9.97
N LEU B 206 4.45 16.47 9.56
CA LEU B 206 5.56 17.33 9.92
C LEU B 206 5.62 18.62 9.12
N LYS B 207 4.87 18.71 8.02
CA LYS B 207 4.89 19.88 7.16
C LYS B 207 3.63 20.72 7.27
N LEU B 208 2.45 20.11 7.38
CA LEU B 208 1.23 20.88 7.50
C LEU B 208 1.18 21.63 8.83
N ASN B 209 1.92 21.18 9.83
CA ASN B 209 1.99 21.89 11.11
C ASN B 209 2.92 23.08 11.07
N GLU B 210 3.65 23.30 9.97
CA GLU B 210 4.49 24.47 9.85
C GLU B 210 3.62 25.72 9.76
N PRO B 211 4.11 26.86 10.24
CA PRO B 211 3.28 28.07 10.27
C PRO B 211 2.89 28.52 8.88
N GLY B 212 1.59 28.68 8.66
CA GLY B 212 1.07 29.13 7.39
C GLY B 212 1.32 28.16 6.25
N GLU B 213 1.11 26.87 6.49
CA GLU B 213 1.30 25.86 5.46
C GLU B 213 0.05 25.06 5.14
N PHE B 214 -0.80 24.79 6.12
CA PHE B 214 -2.09 24.19 5.81
C PHE B 214 -3.03 25.15 5.10
N ILE B 215 -2.68 26.43 5.04
CA ILE B 215 -3.42 27.40 4.22
C ILE B 215 -2.80 27.56 2.84
N ASN B 216 -1.47 27.43 2.72
CA ASN B 216 -0.83 27.51 1.41
C ASN B 216 -1.11 26.30 0.54
N MET B 217 -1.24 25.11 1.14
CA MET B 217 -1.51 23.93 0.32
C MET B 217 -2.95 23.88 -0.16
N ILE B 218 -3.89 24.46 0.60
CA ILE B 218 -5.26 24.59 0.11
C ILE B 218 -5.30 25.51 -1.11
N LEU B 219 -4.67 26.67 -1.01
CA LEU B 219 -4.60 27.57 -2.14
C LEU B 219 -3.77 26.98 -3.27
N TRP B 220 -2.80 26.11 -2.95
CA TRP B 220 -2.03 25.42 -3.98
C TRP B 220 -2.92 24.49 -4.79
N THR B 221 -3.66 23.62 -4.10
CA THR B 221 -4.51 22.68 -4.82
C THR B 221 -5.74 23.34 -5.42
N LEU B 222 -6.07 24.56 -5.00
CA LEU B 222 -7.24 25.24 -5.57
C LEU B 222 -6.86 26.13 -6.76
N SER B 223 -5.74 26.86 -6.67
CA SER B 223 -5.35 27.75 -7.75
C SER B 223 -4.86 26.98 -8.97
N ASN B 224 -4.02 25.96 -8.75
CA ASN B 224 -3.52 25.14 -9.85
C ASN B 224 -4.54 24.12 -10.34
N SER B 225 -5.78 24.21 -9.88
CA SER B 225 -6.83 23.32 -10.37
C SER B 225 -7.18 23.66 -11.81
N LEU B 226 -7.40 24.93 -12.11
CA LEU B 226 -7.69 25.38 -13.46
C LEU B 226 -6.43 25.97 -14.09
N GLN B 227 -5.54 25.07 -14.49
CA GLN B 227 -4.26 25.46 -15.09
C GLN B 227 -4.09 24.72 -16.41
N GLU B 228 -3.24 25.30 -17.26
CA GLU B 228 -2.95 24.73 -18.56
C GLU B 228 -1.57 24.09 -18.65
N SER B 229 -0.57 24.66 -18.00
CA SER B 229 0.76 24.07 -18.01
C SER B 229 0.77 22.76 -17.24
N THR B 230 1.30 21.72 -17.86
CA THR B 230 1.38 20.39 -17.25
C THR B 230 2.20 20.35 -15.95
N PRO B 231 3.32 21.07 -15.82
CA PRO B 231 4.02 21.06 -14.52
C PRO B 231 3.16 21.56 -13.37
N LEU B 232 2.23 22.48 -13.62
CA LEU B 232 1.36 23.04 -12.60
C LEU B 232 0.06 22.27 -12.45
N PHE B 233 -0.57 21.90 -13.57
CA PHE B 233 -1.85 21.19 -13.48
C PHE B 233 -1.68 19.80 -12.86
N LEU B 234 -0.54 19.16 -13.07
CA LEU B 234 -0.33 17.84 -12.51
C LEU B 234 -0.02 17.88 -11.02
N SER B 235 0.46 19.01 -10.50
CA SER B 235 0.72 19.13 -9.08
C SER B 235 -0.54 19.19 -8.25
N SER B 236 -1.71 19.30 -8.89
CA SER B 236 -2.99 19.35 -8.17
C SER B 236 -4.04 18.51 -8.87
N HIS B 237 -3.64 17.42 -9.50
CA HIS B 237 -4.59 16.52 -10.14
C HIS B 237 -4.38 15.08 -9.66
N GLU B 238 -3.14 14.76 -9.29
CA GLU B 238 -2.82 13.43 -8.78
C GLU B 238 -1.98 13.46 -7.51
N ILE B 239 -1.74 14.63 -6.93
CA ILE B 239 -0.93 14.77 -5.73
C ILE B 239 -1.71 15.46 -4.61
N TRP B 240 -2.35 16.59 -4.92
CA TRP B 240 -3.01 17.40 -3.92
C TRP B 240 -4.52 17.47 -4.06
N MET B 241 -5.07 17.08 -5.21
CA MET B 241 -6.52 17.07 -5.36
C MET B 241 -7.15 15.86 -4.69
N PRO B 242 -6.63 14.64 -4.87
CA PRO B 242 -7.21 13.50 -4.15
C PRO B 242 -6.74 13.38 -2.72
N LEU B 243 -5.74 14.16 -2.31
CA LEU B 243 -5.29 14.18 -0.93
C LEU B 243 -6.13 15.14 -0.07
N LEU B 244 -6.57 16.27 -0.63
CA LEU B 244 -7.48 17.13 0.10
C LEU B 244 -8.89 16.56 0.17
N GLU B 245 -9.29 15.77 -0.82
CA GLU B 245 -10.57 15.06 -0.77
C GLU B 245 -10.60 13.99 0.32
N ILE B 246 -9.44 13.53 0.78
CA ILE B 246 -9.35 12.61 1.90
C ILE B 246 -9.28 13.36 3.22
N LEU B 247 -8.48 14.43 3.28
CA LEU B 247 -8.39 15.23 4.50
C LEU B 247 -9.74 15.84 4.87
N ILE B 248 -10.46 16.36 3.88
CA ILE B 248 -11.77 16.93 4.15
C ILE B 248 -12.77 15.85 4.53
N ASP B 249 -12.69 14.68 3.90
CA ASP B 249 -13.61 13.59 4.21
C ASP B 249 -13.31 12.93 5.55
N LEU B 250 -12.12 13.14 6.11
CA LEU B 250 -11.79 12.63 7.43
C LEU B 250 -12.03 13.66 8.52
N PHE B 251 -11.66 14.92 8.27
CA PHE B 251 -12.01 15.99 9.19
C PHE B 251 -13.51 16.12 9.37
N SER B 252 -14.30 15.67 8.40
CA SER B 252 -15.76 15.69 8.47
C SER B 252 -16.34 14.39 9.00
N CYS B 253 -15.49 13.41 9.31
CA CYS B 253 -15.92 12.20 10.01
C CYS B 253 -15.49 12.19 11.47
N ARG B 254 -14.41 12.89 11.81
CA ARG B 254 -14.08 13.14 13.20
C ARG B 254 -15.10 14.07 13.85
N GLN B 255 -15.65 15.01 13.09
CA GLN B 255 -16.74 15.85 13.57
C GLN B 255 -18.01 15.06 13.84
N ASP B 256 -18.35 14.10 12.99
CA ASP B 256 -19.52 13.25 13.19
C ASP B 256 -19.43 12.45 14.49
N TYR B 257 -18.23 12.24 15.01
CA TYR B 257 -18.01 11.51 16.25
C TYR B 257 -17.90 12.45 17.44
N PHE B 258 -17.17 13.56 17.29
CA PHE B 258 -16.95 14.48 18.39
C PHE B 258 -18.24 15.10 18.90
N ILE B 259 -19.29 15.15 18.07
CA ILE B 259 -20.55 15.72 18.52
C ILE B 259 -21.24 14.83 19.54
N GLN B 260 -21.29 13.52 19.29
CA GLN B 260 -21.97 12.63 20.21
C GLN B 260 -21.10 12.32 21.42
N HIS B 261 -19.96 11.69 21.20
CA HIS B 261 -19.04 11.30 22.27
C HIS B 261 -18.03 12.43 22.47
N GLU B 262 -18.50 13.51 23.08
CA GLU B 262 -17.70 14.71 23.26
C GLU B 262 -16.49 14.45 24.15
N ALA B 264 -21.50 15.24 25.75
CA ALA B 264 -22.10 15.94 26.89
C ALA B 264 -23.59 16.14 26.67
N GLN B 265 -24.35 15.06 26.75
CA GLN B 265 -25.80 15.12 26.59
C GLN B 265 -26.43 15.89 27.74
N ASN B 266 -27.53 16.59 27.43
CA ASN B 266 -28.26 17.42 28.39
C ASN B 266 -27.36 18.50 28.98
N VAL B 267 -26.92 19.39 28.09
CA VAL B 267 -26.06 20.52 28.47
C VAL B 267 -26.75 21.80 28.00
N SER B 268 -26.41 22.90 28.66
CA SER B 268 -27.00 24.19 28.34
C SER B 268 -26.64 24.60 26.92
N LYS B 269 -27.60 25.27 26.26
CA LYS B 269 -27.38 25.72 24.88
C LYS B 269 -26.25 26.73 24.80
N SER B 270 -26.13 27.61 25.80
CA SER B 270 -25.07 28.61 25.78
C SER B 270 -23.68 27.99 25.83
N LEU B 271 -23.55 26.78 26.39
CA LEU B 271 -22.27 26.10 26.44
C LEU B 271 -22.10 25.03 25.37
N PHE B 272 -23.19 24.52 24.82
CA PHE B 272 -23.08 23.61 23.68
C PHE B 272 -22.40 24.29 22.50
N VAL B 273 -22.64 25.60 22.32
CA VAL B 273 -21.93 26.36 21.30
C VAL B 273 -20.47 26.58 21.66
N GLN B 274 -20.10 26.40 22.93
CA GLN B 274 -18.70 26.45 23.32
C GLN B 274 -17.98 25.13 23.12
N ARG B 275 -18.73 24.05 22.87
CA ARG B 275 -18.15 22.77 22.46
C ARG B 275 -18.06 22.65 20.94
N LEU B 276 -18.23 23.76 20.22
CA LEU B 276 -18.02 23.80 18.78
C LEU B 276 -16.91 24.77 18.39
N SER B 277 -16.24 25.38 19.38
CA SER B 277 -15.07 26.21 19.11
C SER B 277 -13.77 25.45 19.20
N GLU B 278 -13.73 24.34 19.95
CA GLU B 278 -12.59 23.43 19.98
C GLU B 278 -12.84 22.19 19.14
N SER B 279 -13.92 22.19 18.36
CA SER B 279 -14.26 21.07 17.51
C SER B 279 -13.21 20.88 16.42
N PRO B 280 -13.04 19.65 15.93
CA PRO B 280 -12.07 19.44 14.84
C PRO B 280 -12.36 20.25 13.59
N LEU B 281 -13.64 20.45 13.25
CA LEU B 281 -13.99 21.29 12.11
C LEU B 281 -13.83 22.77 12.41
N ALA B 282 -13.56 23.15 13.65
CA ALA B 282 -13.29 24.54 13.99
C ALA B 282 -11.84 24.92 13.82
N VAL B 283 -10.91 24.05 14.21
CA VAL B 283 -9.49 24.32 13.97
C VAL B 283 -9.18 24.24 12.48
N PHE B 284 -9.89 23.37 11.75
CA PHE B 284 -9.70 23.27 10.31
C PHE B 284 -9.99 24.60 9.63
N PHE B 285 -11.13 25.21 9.95
CA PHE B 285 -11.48 26.50 9.38
C PHE B 285 -10.84 27.67 10.12
N GLU B 286 -10.13 27.41 11.21
CA GLU B 286 -9.36 28.44 11.90
C GLU B 286 -8.07 28.77 11.16
N SER B 287 -7.65 27.92 10.22
CA SER B 287 -6.43 28.19 9.45
C SER B 287 -6.57 29.44 8.57
N LEU B 288 -7.79 29.82 8.22
CA LEU B 288 -8.02 31.00 7.40
C LEU B 288 -7.67 32.23 8.22
N ASN B 289 -6.53 32.85 7.91
CA ASN B 289 -5.93 33.90 8.75
C ASN B 289 -6.46 35.28 8.39
N THR B 290 -7.78 35.43 8.48
CA THR B 290 -8.39 36.73 8.25
C THR B 290 -9.70 36.80 9.01
N ARG B 291 -10.14 38.03 9.31
CA ARG B 291 -11.42 38.28 9.97
C ARG B 291 -12.42 38.91 9.01
N ASN B 292 -12.38 38.50 7.74
CA ASN B 292 -13.25 39.03 6.69
C ASN B 292 -13.89 37.89 5.91
N PHE B 293 -14.47 36.92 6.62
CA PHE B 293 -15.05 35.76 5.97
C PHE B 293 -16.18 36.11 5.01
N ALA B 294 -16.77 37.30 5.13
CA ALA B 294 -17.71 37.78 4.13
C ALA B 294 -17.02 38.17 2.83
N ASN B 295 -15.70 38.39 2.86
CA ASN B 295 -14.95 38.69 1.65
C ASN B 295 -13.61 37.97 1.59
N ARG B 296 -13.44 36.92 2.38
CA ARG B 296 -12.22 36.11 2.30
C ARG B 296 -12.51 34.64 2.02
N PHE B 297 -13.52 34.06 2.65
CA PHE B 297 -13.92 32.70 2.32
C PHE B 297 -14.65 32.62 0.99
N SER B 298 -15.17 33.75 0.50
CA SER B 298 -15.77 33.79 -0.82
C SER B 298 -14.74 33.93 -1.94
N GLU B 299 -13.50 34.28 -1.60
CA GLU B 299 -12.43 34.41 -2.59
C GLU B 299 -11.31 33.42 -2.37
N TYR B 300 -11.35 32.62 -1.30
CA TYR B 300 -10.41 31.52 -1.14
C TYR B 300 -10.91 30.24 -1.79
N VAL B 301 -12.22 30.02 -1.78
CA VAL B 301 -12.79 28.88 -2.49
C VAL B 301 -12.68 29.09 -4.00
N PHE B 302 -13.04 30.27 -4.48
CA PHE B 302 -12.91 30.62 -5.89
C PHE B 302 -11.65 31.46 -6.06
N LEU B 303 -10.51 30.78 -6.15
CA LEU B 303 -9.22 31.47 -6.28
C LEU B 303 -8.85 31.69 -7.74
N ASN B 304 -8.75 30.61 -8.51
CA ASN B 304 -8.37 30.71 -9.92
C ASN B 304 -9.56 30.88 -10.84
N CYS B 305 -10.78 30.87 -10.32
CA CYS B 305 -11.93 31.20 -11.14
C CYS B 305 -11.90 32.69 -11.48
N ASP B 306 -12.55 33.04 -12.58
CA ASP B 306 -12.58 34.41 -13.09
C ASP B 306 -14.03 34.85 -13.18
N TYR B 307 -14.55 35.45 -12.11
CA TYR B 307 -15.94 35.88 -12.18
C TYR B 307 -16.06 37.34 -12.57
N LYS B 308 -15.79 38.25 -11.63
CA LYS B 308 -15.58 39.67 -11.92
C LYS B 308 -14.59 40.25 -10.94
N LEU B 309 -13.49 39.52 -10.67
CA LEU B 309 -12.74 39.61 -9.42
C LEU B 309 -12.50 41.06 -9.00
N PRO B 310 -13.20 41.52 -7.95
CA PRO B 310 -13.02 42.89 -7.45
C PRO B 310 -12.06 43.02 -6.27
N SER B 311 -11.32 41.97 -5.93
CA SER B 311 -10.43 42.00 -4.78
C SER B 311 -9.25 42.90 -5.10
N ASP B 312 -9.33 44.17 -4.69
CA ASP B 312 -8.25 45.11 -4.94
C ASP B 312 -6.96 44.68 -4.25
N ASN B 313 -7.07 43.92 -3.17
CA ASN B 313 -5.88 43.34 -2.55
C ASN B 313 -5.21 42.35 -3.50
N TYR B 314 -3.89 42.27 -3.41
CA TYR B 314 -3.14 41.36 -4.25
C TYR B 314 -3.56 39.92 -4.00
N ALA B 315 -3.54 39.11 -5.06
CA ALA B 315 -3.92 37.71 -4.93
C ALA B 315 -2.98 37.00 -3.98
N THR B 316 -3.51 35.97 -3.33
CA THR B 316 -2.74 35.26 -2.31
C THR B 316 -1.51 34.62 -2.92
N PRO B 317 -0.32 34.83 -2.34
CA PRO B 317 0.89 34.18 -2.87
C PRO B 317 0.80 32.67 -2.71
N VAL B 318 0.88 31.97 -3.83
CA VAL B 318 0.76 30.52 -3.89
C VAL B 318 2.10 29.95 -4.30
N HIS B 319 2.66 29.07 -3.46
CA HIS B 319 3.94 28.45 -3.71
C HIS B 319 3.86 26.95 -3.46
N PRO B 320 4.70 26.16 -4.12
CA PRO B 320 4.60 24.71 -3.98
C PRO B 320 4.95 24.25 -2.57
N VAL B 321 4.41 23.08 -2.21
CA VAL B 321 4.63 22.52 -0.87
C VAL B 321 6.02 21.93 -0.80
N TYR B 322 6.30 20.94 -1.65
CA TYR B 322 7.60 20.30 -1.71
C TYR B 322 8.36 20.77 -2.94
N ASN B 323 9.67 20.89 -2.81
CA ASN B 323 10.48 21.47 -3.88
C ASN B 323 10.46 20.59 -5.12
N GLY B 324 10.56 21.24 -6.27
CA GLY B 324 10.54 20.52 -7.53
C GLY B 324 9.18 20.05 -7.97
N GLU B 325 8.12 20.51 -7.30
CA GLU B 325 6.78 20.07 -7.67
C GLU B 325 6.32 20.66 -9.00
N ASN B 326 6.67 21.91 -9.29
CA ASN B 326 6.26 22.55 -10.54
C ASN B 326 7.31 22.37 -11.63
N THR B 327 7.77 21.13 -11.81
CA THR B 327 8.74 20.78 -12.85
C THR B 327 8.44 19.36 -13.29
N ILE B 328 8.22 19.16 -14.58
CA ILE B 328 8.13 17.82 -15.11
C ILE B 328 9.53 17.27 -15.36
N VAL B 329 9.66 15.96 -15.34
CA VAL B 329 10.96 15.33 -15.49
C VAL B 329 11.16 14.90 -16.93
N ASP B 330 12.42 14.79 -17.34
CA ASP B 330 12.74 14.51 -18.74
C ASP B 330 12.24 13.13 -19.16
N THR B 331 12.41 12.13 -18.30
CA THR B 331 12.11 10.75 -18.65
C THR B 331 10.64 10.37 -18.45
N TYR B 332 9.74 11.34 -18.28
CA TYR B 332 8.32 11.07 -18.19
C TYR B 332 7.55 12.04 -19.09
N ILE B 333 6.69 11.49 -19.94
CA ILE B 333 5.86 12.26 -20.84
C ILE B 333 4.40 12.00 -20.49
N PRO B 334 3.57 13.01 -20.30
CA PRO B 334 2.16 12.78 -19.97
C PRO B 334 1.42 12.11 -21.11
N THR B 335 0.36 11.39 -20.76
CA THR B 335 -0.44 10.67 -21.74
C THR B 335 -1.91 11.04 -21.64
N ILE B 336 -2.38 11.33 -20.42
CA ILE B 336 -3.79 11.65 -20.23
C ILE B 336 -4.07 13.05 -20.74
N LYS B 337 -5.08 13.19 -21.59
CA LYS B 337 -5.48 14.47 -22.15
C LYS B 337 -6.70 14.98 -21.39
N CYS B 338 -6.51 16.04 -20.62
CA CYS B 338 -7.55 16.61 -19.78
C CYS B 338 -8.15 17.82 -20.48
N SER B 339 -9.42 17.72 -20.86
CA SER B 339 -10.11 18.80 -21.53
C SER B 339 -10.28 19.98 -20.56
N PRO B 340 -10.33 21.22 -21.08
CA PRO B 340 -10.59 22.37 -20.20
C PRO B 340 -11.96 22.33 -19.53
N LEU B 341 -12.92 21.61 -20.10
CA LEU B 341 -14.20 21.39 -19.42
C LEU B 341 -14.07 20.35 -18.31
N TYR B 342 -13.33 19.28 -18.57
CA TYR B 342 -13.07 18.29 -17.53
C TYR B 342 -12.22 18.88 -16.41
N LYS B 343 -11.31 19.78 -16.74
CA LYS B 343 -10.55 20.48 -15.70
C LYS B 343 -11.47 21.25 -14.78
N SER B 344 -12.39 22.03 -15.35
CA SER B 344 -13.37 22.78 -14.57
C SER B 344 -14.67 22.02 -14.38
N GLN B 345 -14.55 20.75 -13.99
CA GLN B 345 -15.69 19.98 -13.51
C GLN B 345 -15.30 19.28 -12.23
N LYS B 346 -14.03 18.88 -12.13
CA LYS B 346 -13.46 18.28 -10.94
C LYS B 346 -12.80 19.31 -10.04
N SER B 347 -12.74 20.56 -10.46
CA SER B 347 -12.26 21.64 -9.62
C SER B 347 -13.39 22.45 -9.01
N LEU B 348 -14.62 22.27 -9.48
CA LEU B 348 -15.80 22.85 -8.85
C LEU B 348 -16.57 21.83 -8.03
N ALA B 349 -16.28 20.54 -8.18
CA ALA B 349 -16.80 19.52 -7.28
C ALA B 349 -15.94 19.39 -6.02
N LEU B 350 -14.82 20.10 -5.95
CA LEU B 350 -14.03 20.23 -4.74
C LEU B 350 -14.23 21.56 -4.05
N ARG B 351 -14.39 22.64 -4.82
CA ARG B 351 -14.73 23.93 -4.21
C ARG B 351 -16.10 23.90 -3.55
N ARG B 352 -17.04 23.14 -4.09
CA ARG B 352 -18.32 22.94 -3.43
C ARG B 352 -18.22 22.00 -2.24
N LYS B 353 -17.39 20.95 -2.35
CA LYS B 353 -17.17 20.05 -1.24
C LYS B 353 -16.45 20.72 -0.08
N LEU B 354 -15.68 21.77 -0.35
CA LEU B 354 -15.01 22.53 0.71
C LEU B 354 -15.93 23.50 1.42
N ILE B 355 -17.03 23.90 0.79
CA ILE B 355 -18.01 24.77 1.43
C ILE B 355 -19.06 23.89 2.09
N GLY B 356 -19.29 22.70 1.52
CA GLY B 356 -20.20 21.75 2.11
C GLY B 356 -19.77 21.25 3.48
N SER B 357 -18.51 21.44 3.84
CA SER B 357 -18.02 21.19 5.19
C SER B 357 -17.97 22.46 6.03
N CYS B 358 -18.50 23.58 5.50
CA CYS B 358 -18.66 24.80 6.26
C CYS B 358 -20.12 25.07 6.63
N PHE B 359 -21.07 24.53 5.87
CA PHE B 359 -22.48 24.56 6.23
C PHE B 359 -22.89 23.31 7.01
N LYS B 360 -21.93 22.49 7.41
CA LYS B 360 -22.14 21.42 8.37
C LYS B 360 -21.63 21.77 9.76
N LEU B 361 -20.54 22.55 9.85
CA LEU B 361 -20.12 23.14 11.11
C LEU B 361 -21.07 24.25 11.55
N LEU B 362 -21.50 25.10 10.61
CA LEU B 362 -22.38 26.22 10.93
C LEU B 362 -23.83 25.81 11.16
N LEU B 363 -24.27 24.68 10.61
CA LEU B 363 -25.62 24.22 10.84
C LEU B 363 -25.85 23.83 12.30
N ARG B 364 -24.78 23.42 13.00
CA ARG B 364 -24.91 22.99 14.38
C ARG B 364 -24.98 24.16 15.37
N VAL B 365 -24.65 25.37 14.94
CA VAL B 365 -24.74 26.54 15.80
C VAL B 365 -26.19 26.78 16.16
N PRO B 366 -26.53 26.89 17.44
CA PRO B 366 -27.93 27.08 17.83
C PRO B 366 -28.45 28.46 17.41
N ASP B 367 -29.78 28.56 17.37
CA ASP B 367 -30.41 29.78 16.87
C ASP B 367 -30.13 30.99 17.77
N GLY B 368 -29.74 30.74 19.02
CA GLY B 368 -29.54 31.83 19.95
C GLY B 368 -28.19 32.53 19.84
N HIS B 369 -27.11 31.76 19.80
CA HIS B 369 -25.77 32.29 19.85
C HIS B 369 -25.08 32.11 18.50
N ARG B 370 -23.80 32.48 18.46
CA ARG B 370 -22.98 32.37 17.26
C ARG B 370 -21.63 31.77 17.62
N LEU B 371 -21.01 31.14 16.64
CA LEU B 371 -19.74 30.45 16.86
C LEU B 371 -18.64 31.42 17.27
N ILE B 372 -17.77 30.95 18.16
CA ILE B 372 -16.77 31.80 18.80
C ILE B 372 -15.42 31.72 18.08
N THR B 373 -14.87 30.51 17.92
CA THR B 373 -13.52 30.39 17.37
C THR B 373 -13.42 30.91 15.95
N PRO B 374 -14.28 30.54 15.00
CA PRO B 374 -14.18 31.12 13.66
C PRO B 374 -14.79 32.51 13.56
N ARG B 375 -15.71 32.87 14.45
CA ARG B 375 -16.39 34.16 14.43
C ARG B 375 -17.09 34.40 13.10
N ILE B 376 -17.88 33.41 12.67
CA ILE B 376 -18.57 33.45 11.40
C ILE B 376 -20.06 33.21 11.62
N VAL B 377 -20.86 33.66 10.66
CA VAL B 377 -22.32 33.55 10.76
C VAL B 377 -22.82 32.73 9.58
N ALA B 378 -23.81 31.90 9.84
CA ALA B 378 -24.43 31.07 8.80
C ALA B 378 -25.24 31.87 7.80
N ASP B 379 -25.26 33.20 7.92
CA ASP B 379 -25.93 34.06 6.96
C ASP B 379 -24.99 35.01 6.22
N ASP B 380 -23.81 35.30 6.77
CA ASP B 380 -22.83 36.11 6.08
C ASP B 380 -22.01 35.31 5.07
N VAL B 381 -22.17 33.98 5.05
CA VAL B 381 -21.52 33.15 4.05
C VAL B 381 -22.54 32.42 3.17
N ILE B 382 -23.79 32.86 3.18
CA ILE B 382 -24.74 32.47 2.14
C ILE B 382 -24.96 33.62 1.16
N GLN B 383 -24.79 34.87 1.61
CA GLN B 383 -24.76 36.02 0.71
C GLN B 383 -23.36 36.37 0.27
N GLY B 384 -22.36 35.59 0.68
CA GLY B 384 -21.00 35.77 0.23
C GLY B 384 -20.62 34.80 -0.86
N ILE B 385 -21.20 33.60 -0.80
CA ILE B 385 -21.02 32.59 -1.84
C ILE B 385 -22.15 32.76 -2.85
N SER B 386 -22.89 33.86 -2.74
CA SER B 386 -23.92 34.20 -3.70
C SER B 386 -23.64 35.48 -4.47
N ARG B 387 -22.85 36.40 -3.93
CA ARG B 387 -22.46 37.59 -4.67
C ARG B 387 -21.31 37.35 -5.61
N THR B 388 -20.60 36.23 -5.47
CA THR B 388 -19.56 35.82 -6.41
C THR B 388 -20.04 34.72 -7.35
N LEU B 389 -20.88 33.81 -6.86
CA LEU B 389 -21.46 32.80 -7.75
C LEU B 389 -22.35 33.45 -8.80
N ALA B 390 -23.10 34.49 -8.43
CA ALA B 390 -23.89 35.27 -9.38
C ALA B 390 -23.05 36.23 -10.19
N SER B 391 -21.72 36.15 -10.06
CA SER B 391 -20.82 37.03 -10.79
C SER B 391 -19.94 36.28 -11.79
N PHE B 392 -20.16 34.98 -11.97
CA PHE B 392 -19.32 34.20 -12.88
C PHE B 392 -19.46 34.69 -14.32
N ASN B 393 -18.34 34.72 -15.04
CA ASN B 393 -18.37 35.02 -16.46
C ASN B 393 -18.59 33.76 -17.28
N ASP B 394 -17.70 32.77 -17.12
CA ASP B 394 -17.84 31.49 -17.80
C ASP B 394 -19.05 30.77 -17.25
N ILE B 395 -20.15 30.76 -18.01
CA ILE B 395 -21.37 30.12 -17.53
C ILE B 395 -21.30 28.60 -17.56
N LEU B 396 -20.27 28.03 -18.19
CA LEU B 396 -20.06 26.59 -18.10
C LEU B 396 -19.41 26.19 -16.79
N GLN B 397 -18.85 27.15 -16.04
CA GLN B 397 -18.41 26.87 -14.68
C GLN B 397 -19.56 26.99 -13.69
N PHE B 398 -20.48 27.93 -13.95
CA PHE B 398 -21.66 28.08 -13.10
C PHE B 398 -22.48 26.80 -13.08
N LYS B 399 -22.75 26.23 -14.26
CA LYS B 399 -23.50 24.98 -14.33
C LYS B 399 -22.74 23.86 -13.64
N LYS B 400 -21.43 23.76 -13.87
CA LYS B 400 -20.63 22.74 -13.21
C LYS B 400 -20.68 22.86 -11.68
N PHE B 401 -20.77 24.08 -11.16
CA PHE B 401 -20.89 24.25 -9.72
C PHE B 401 -22.25 23.81 -9.22
N PHE B 402 -23.33 24.38 -9.79
CA PHE B 402 -24.65 24.11 -9.24
C PHE B 402 -25.16 22.72 -9.61
N MET B 403 -24.97 22.31 -10.87
CA MET B 403 -25.47 21.00 -11.30
C MET B 403 -24.53 19.90 -10.79
N THR B 404 -24.76 19.45 -9.56
CA THR B 404 -23.84 18.56 -8.86
C THR B 404 -24.17 17.10 -9.12
N GLU B 405 -23.13 16.27 -9.14
CA GLU B 405 -23.28 14.84 -9.36
C GLU B 405 -23.69 14.09 -8.10
N ASN B 406 -23.63 14.72 -6.94
CA ASN B 406 -24.06 14.13 -5.67
C ASN B 406 -25.19 15.02 -5.15
N LEU B 407 -26.41 14.75 -5.60
CA LEU B 407 -27.54 15.62 -5.29
C LEU B 407 -28.06 15.44 -3.88
N SER B 408 -28.06 14.23 -3.34
CA SER B 408 -28.67 13.98 -2.04
C SER B 408 -27.74 14.35 -0.89
N GLN B 409 -26.48 13.90 -0.94
CA GLN B 409 -25.54 14.23 0.13
C GLN B 409 -25.27 15.73 0.18
N GLU B 410 -25.10 16.36 -0.97
CA GLU B 410 -24.88 17.80 -1.02
C GLU B 410 -26.20 18.57 -1.08
N SER B 411 -27.09 18.21 -0.16
CA SER B 411 -28.30 18.97 0.11
C SER B 411 -27.99 19.96 1.23
N TYR B 412 -29.03 20.57 1.80
CA TYR B 412 -28.99 21.32 3.05
C TYR B 412 -28.13 22.58 2.94
N PHE B 413 -27.38 22.73 1.84
CA PHE B 413 -26.69 23.98 1.58
C PHE B 413 -26.72 24.41 0.13
N ILE B 414 -27.06 23.52 -0.80
CA ILE B 414 -27.16 23.91 -2.21
C ILE B 414 -28.50 24.61 -2.42
N PRO B 415 -29.64 24.10 -1.90
CA PRO B 415 -30.86 24.90 -1.95
C PRO B 415 -30.89 25.97 -0.88
N LEU B 416 -29.75 26.59 -0.64
CA LEU B 416 -29.58 27.82 0.12
C LEU B 416 -28.76 28.83 -0.65
N LEU B 417 -27.73 28.38 -1.36
CA LEU B 417 -27.01 29.25 -2.29
C LEU B 417 -27.76 29.43 -3.59
N ALA B 418 -28.50 28.40 -4.04
CA ALA B 418 -29.25 28.52 -5.28
C ALA B 418 -30.32 29.60 -5.17
N GLU B 419 -31.14 29.53 -4.13
CA GLU B 419 -32.08 30.62 -3.87
C GLU B 419 -31.35 31.88 -3.41
N GLY B 420 -30.26 31.71 -2.67
CA GLY B 420 -29.46 32.86 -2.27
C GLY B 420 -28.80 33.59 -3.42
N THR B 421 -28.50 32.88 -4.51
CA THR B 421 -27.96 33.50 -5.71
C THR B 421 -29.05 34.12 -6.57
N LEU B 422 -30.17 33.42 -6.76
CA LEU B 422 -31.29 33.98 -7.51
C LEU B 422 -31.78 35.27 -6.88
N SER B 423 -31.68 35.40 -5.56
CA SER B 423 -32.03 36.64 -4.90
C SER B 423 -30.99 37.73 -5.10
N GLU B 424 -29.76 37.37 -5.45
CA GLU B 424 -28.72 38.37 -5.73
C GLU B 424 -28.76 38.87 -7.17
N ILE B 425 -29.31 38.09 -8.10
CA ILE B 425 -29.39 38.53 -9.49
C ILE B 425 -30.61 39.41 -9.71
N LEU B 426 -31.74 39.05 -9.11
CA LEU B 426 -32.97 39.81 -9.29
C LEU B 426 -32.92 41.19 -8.66
N LYS B 427 -31.91 41.48 -7.83
CA LYS B 427 -31.69 42.84 -7.36
C LYS B 427 -31.18 43.76 -8.46
N ASP B 428 -30.79 43.21 -9.61
CA ASP B 428 -30.43 44.00 -10.77
C ASP B 428 -31.39 43.83 -11.94
N THR B 429 -32.12 42.72 -12.01
CA THR B 429 -33.12 42.52 -13.05
C THR B 429 -34.50 43.00 -12.63
N GLN B 430 -34.72 43.19 -11.32
CA GLN B 430 -36.01 43.62 -10.79
C GLN B 430 -37.15 42.69 -11.22
N VAL B 434 -37.07 42.49 -3.81
CA VAL B 434 -37.83 41.25 -3.92
C VAL B 434 -37.49 40.33 -2.76
N ILE B 435 -38.45 39.51 -2.35
CA ILE B 435 -38.28 38.58 -1.23
C ILE B 435 -38.50 37.16 -1.75
N LEU B 436 -37.51 36.30 -1.50
CA LEU B 436 -37.55 34.92 -1.95
C LEU B 436 -37.82 34.00 -0.77
N THR B 437 -38.88 33.19 -0.88
CA THR B 437 -39.26 32.22 0.14
C THR B 437 -39.39 30.83 -0.49
N LEU B 438 -38.51 30.52 -1.45
CA LEU B 438 -38.64 29.26 -2.17
C LEU B 438 -38.21 28.07 -1.33
N VAL B 439 -37.13 28.19 -0.56
CA VAL B 439 -36.66 27.05 0.23
C VAL B 439 -37.65 26.72 1.33
N GLU B 440 -38.30 27.73 1.92
CA GLU B 440 -39.32 27.46 2.93
C GLU B 440 -40.55 26.78 2.32
N ASN B 441 -40.75 26.91 1.02
CA ASN B 441 -41.85 26.25 0.32
C ASN B 441 -41.38 25.02 -0.44
N LEU B 442 -40.16 24.54 -0.20
CA LEU B 442 -39.61 23.42 -0.94
C LEU B 442 -40.29 22.09 -0.59
N SER B 443 -41.08 22.04 0.48
CA SER B 443 -41.78 20.82 0.86
C SER B 443 -43.18 20.72 0.26
N ASP B 444 -43.92 21.83 0.25
CA ASP B 444 -45.27 21.86 -0.34
C ASP B 444 -45.17 22.51 -1.71
N GLY B 445 -45.53 21.76 -2.74
CA GLY B 445 -45.36 22.24 -4.11
C GLY B 445 -46.31 23.35 -4.50
N VAL B 446 -47.46 23.44 -3.86
CA VAL B 446 -48.44 24.47 -4.22
C VAL B 446 -47.89 25.86 -3.93
N SER B 447 -47.28 26.04 -2.75
CA SER B 447 -46.71 27.34 -2.41
C SER B 447 -45.52 27.69 -3.29
N PHE B 448 -44.65 26.71 -3.57
CA PHE B 448 -43.52 26.96 -4.46
C PHE B 448 -44.01 27.37 -5.85
N CYS B 449 -45.03 26.69 -6.35
CA CYS B 449 -45.63 27.10 -7.61
C CYS B 449 -46.14 28.54 -7.53
N ASN B 450 -47.08 28.81 -6.62
CA ASN B 450 -47.63 30.15 -6.49
C ASN B 450 -46.53 31.20 -6.46
N GLU B 451 -45.43 30.91 -5.76
CA GLU B 451 -44.31 31.84 -5.73
C GLU B 451 -43.66 31.99 -7.11
N VAL B 452 -43.48 30.89 -7.85
CA VAL B 452 -42.76 31.00 -9.12
C VAL B 452 -43.63 31.70 -10.18
N ILE B 453 -44.94 31.44 -10.18
CA ILE B 453 -45.82 32.22 -11.04
C ILE B 453 -45.84 33.69 -10.63
N GLY B 454 -45.83 33.98 -9.32
CA GLY B 454 -45.71 35.37 -8.91
C GLY B 454 -44.44 36.02 -9.42
N LEU B 455 -43.33 35.27 -9.37
CA LEU B 455 -42.06 35.80 -9.86
C LEU B 455 -42.11 36.07 -11.35
N VAL B 456 -42.58 35.10 -12.14
CA VAL B 456 -42.60 35.30 -13.59
C VAL B 456 -43.55 36.42 -13.97
N LYS B 457 -44.65 36.59 -13.24
CA LYS B 457 -45.50 37.76 -13.44
C LYS B 457 -44.84 39.04 -12.97
N SER B 458 -43.86 38.95 -12.08
CA SER B 458 -43.13 40.13 -11.63
C SER B 458 -42.08 40.60 -12.63
N LYS B 459 -42.00 39.97 -13.80
CA LYS B 459 -41.10 40.38 -14.88
C LYS B 459 -39.64 40.35 -14.44
N CYS B 460 -39.25 39.28 -13.75
CA CYS B 460 -37.86 39.06 -13.38
C CYS B 460 -37.19 38.00 -14.23
N PHE B 461 -37.95 37.23 -15.01
CA PHE B 461 -37.40 36.25 -15.93
C PHE B 461 -37.41 36.69 -17.38
N ALA B 462 -38.31 37.60 -17.74
CA ALA B 462 -38.23 38.22 -19.05
C ALA B 462 -37.08 39.22 -19.09
N PHE B 463 -36.74 39.66 -20.29
CA PHE B 463 -35.58 40.54 -20.46
C PHE B 463 -35.89 41.93 -19.93
N THR B 464 -34.88 42.80 -20.02
CA THR B 464 -34.95 44.18 -19.54
C THR B 464 -35.67 45.07 -20.55
N GLU B 465 -35.50 46.38 -20.40
CA GLU B 465 -36.20 47.36 -21.21
C GLU B 465 -35.57 47.44 -22.60
N GLN B 466 -35.90 48.50 -23.34
CA GLN B 466 -35.61 48.59 -24.77
C GLN B 466 -34.12 48.45 -25.08
N CYS B 467 -33.25 48.69 -24.10
CA CYS B 467 -31.81 48.54 -24.33
C CYS B 467 -31.51 47.08 -24.67
N SER B 468 -31.23 46.81 -25.94
CA SER B 468 -31.11 45.44 -26.42
C SER B 468 -29.70 45.11 -26.91
N GLN B 469 -29.15 45.87 -27.85
CA GLN B 469 -27.87 45.53 -28.47
C GLN B 469 -26.68 46.19 -27.80
N ALA B 470 -26.88 47.31 -27.08
CA ALA B 470 -25.76 48.01 -26.48
C ALA B 470 -25.04 47.15 -25.45
N SER B 471 -25.80 46.43 -24.63
CA SER B 471 -25.23 45.59 -23.56
C SER B 471 -25.86 44.20 -23.60
N TYR B 472 -25.95 43.63 -24.80
CA TYR B 472 -26.53 42.29 -24.94
C TYR B 472 -25.66 41.23 -24.30
N GLU B 473 -24.34 41.32 -24.51
CA GLU B 473 -23.43 40.25 -24.08
C GLU B 473 -23.47 40.02 -22.57
N GLU B 474 -23.71 41.07 -21.78
CA GLU B 474 -23.83 40.91 -20.34
C GLU B 474 -25.25 40.60 -19.92
N ALA B 475 -26.24 41.19 -20.61
CA ALA B 475 -27.63 40.97 -20.23
C ALA B 475 -28.05 39.53 -20.42
N VAL B 476 -27.63 38.90 -21.53
CA VAL B 476 -28.01 37.51 -21.78
C VAL B 476 -27.38 36.60 -20.73
N LEU B 477 -26.11 36.83 -20.39
CA LEU B 477 -25.47 36.03 -19.36
C LEU B 477 -26.15 36.22 -18.01
N ASN B 478 -26.51 37.46 -17.66
CA ASN B 478 -27.17 37.72 -16.40
C ASN B 478 -28.53 37.04 -16.33
N ILE B 479 -29.31 37.10 -17.40
CA ILE B 479 -30.65 36.53 -17.37
C ILE B 479 -30.61 35.02 -17.45
N GLU B 480 -29.56 34.43 -18.01
CA GLU B 480 -29.47 32.99 -18.06
C GLU B 480 -28.84 32.41 -16.78
N LYS B 481 -28.00 33.19 -16.09
CA LYS B 481 -27.48 32.75 -14.80
C LYS B 481 -28.55 32.71 -13.72
N CYS B 482 -29.64 33.43 -13.88
CA CYS B 482 -30.78 33.37 -12.96
C CYS B 482 -31.77 32.29 -13.35
N ASP B 483 -31.49 31.53 -14.40
CA ASP B 483 -32.32 30.39 -14.79
C ASP B 483 -31.80 29.07 -14.24
N VAL B 484 -30.49 28.94 -14.08
CA VAL B 484 -29.92 27.71 -13.53
C VAL B 484 -30.37 27.53 -12.08
N CYS B 485 -30.35 28.61 -11.30
CA CYS B 485 -30.78 28.54 -9.90
C CYS B 485 -32.22 28.07 -9.80
N LEU B 486 -33.09 28.63 -10.66
CA LEU B 486 -34.47 28.15 -10.71
C LEU B 486 -34.53 26.68 -11.12
N LEU B 487 -33.71 26.30 -12.11
CA LEU B 487 -33.67 24.90 -12.54
C LEU B 487 -33.17 23.99 -11.43
N VAL B 488 -32.14 24.42 -10.70
CA VAL B 488 -31.61 23.60 -9.60
C VAL B 488 -32.67 23.44 -8.51
N LEU B 489 -33.36 24.53 -8.16
CA LEU B 489 -34.42 24.43 -7.16
C LEU B 489 -35.55 23.54 -7.64
N LEU B 490 -35.89 23.60 -8.93
CA LEU B 490 -36.91 22.73 -9.48
C LEU B 490 -36.50 21.27 -9.40
N ARG B 491 -35.22 20.97 -9.71
CA ARG B 491 -34.74 19.60 -9.60
C ARG B 491 -34.80 19.11 -8.15
N TYR B 492 -34.41 19.98 -7.21
CA TYR B 492 -34.48 19.59 -5.79
C TYR B 492 -35.91 19.33 -5.37
N LEU B 493 -36.85 20.17 -5.80
CA LEU B 493 -38.26 19.94 -5.48
C LEU B 493 -38.73 18.62 -6.07
N LEU B 494 -38.35 18.34 -7.32
CA LEU B 494 -38.73 17.08 -7.95
C LEU B 494 -38.11 15.88 -7.24
N HIS B 495 -36.98 16.07 -6.57
CA HIS B 495 -36.35 14.98 -5.83
C HIS B 495 -36.83 14.92 -4.37
N LEU B 496 -37.24 16.05 -3.80
CA LEU B 496 -37.73 16.11 -2.43
C LEU B 496 -39.22 15.89 -2.31
N ILE B 497 -39.93 15.70 -3.42
CA ILE B 497 -41.38 15.51 -3.37
C ILE B 497 -41.73 14.14 -3.95
N GLY B 498 -40.76 13.50 -4.59
CA GLY B 498 -40.98 12.19 -5.19
C GLY B 498 -41.92 12.21 -6.37
N ALA B 505 -50.12 19.11 -9.84
CA ALA B 505 -51.49 19.13 -10.33
C ALA B 505 -51.70 20.24 -11.35
N LYS B 506 -52.75 21.04 -11.15
CA LYS B 506 -53.03 22.15 -12.06
C LYS B 506 -52.04 23.29 -11.89
N GLU B 507 -51.46 23.44 -10.70
CA GLU B 507 -50.47 24.49 -10.48
C GLU B 507 -49.21 24.28 -11.31
N GLN B 508 -48.81 23.02 -11.50
CA GLN B 508 -47.68 22.74 -12.38
C GLN B 508 -47.99 23.17 -13.81
N LEU B 509 -49.21 22.91 -14.29
CA LEU B 509 -49.61 23.34 -15.62
C LEU B 509 -49.67 24.86 -15.73
N GLU B 510 -50.09 25.53 -14.65
CA GLU B 510 -50.10 26.99 -14.68
C GLU B 510 -48.69 27.57 -14.76
N MET B 511 -47.76 27.02 -13.98
CA MET B 511 -46.35 27.37 -14.15
C MET B 511 -45.90 27.10 -15.57
N LEU B 512 -46.37 25.99 -16.14
CA LEU B 512 -46.00 25.61 -17.50
C LEU B 512 -46.41 26.67 -18.52
N HIS B 513 -47.68 27.08 -18.51
CA HIS B 513 -48.10 28.05 -19.52
C HIS B 513 -47.50 29.43 -19.24
N ALA B 514 -47.33 29.78 -17.97
CA ALA B 514 -46.71 31.05 -17.64
C ALA B 514 -45.29 31.11 -18.19
N ILE B 515 -44.52 30.03 -18.02
CA ILE B 515 -43.17 30.02 -18.55
C ILE B 515 -43.19 29.96 -20.07
N GLU B 516 -44.23 29.36 -20.67
CA GLU B 516 -44.39 29.46 -22.12
C GLU B 516 -44.50 30.90 -22.58
N LYS B 517 -45.40 31.67 -21.95
CA LYS B 517 -45.54 33.06 -22.37
C LYS B 517 -44.26 33.85 -22.11
N ASN B 518 -43.59 33.60 -20.99
CA ASN B 518 -42.35 34.32 -20.72
C ASN B 518 -41.28 33.99 -21.77
N ASP B 519 -41.11 32.71 -22.09
CA ASP B 519 -40.11 32.32 -23.07
C ASP B 519 -40.44 32.88 -24.45
N SER B 520 -41.72 32.85 -24.83
CA SER B 520 -42.11 33.45 -26.11
C SER B 520 -41.86 34.96 -26.12
N GLY B 521 -42.05 35.63 -24.99
CA GLY B 521 -41.72 37.04 -24.92
C GLY B 521 -40.25 37.29 -25.15
N ARG B 522 -39.38 36.51 -24.51
CA ARG B 522 -37.95 36.64 -24.75
C ARG B 522 -37.61 36.33 -26.20
N ARG B 523 -38.28 35.33 -26.79
CA ARG B 523 -38.02 34.96 -28.18
C ARG B 523 -38.37 36.09 -29.13
N GLN B 524 -39.56 36.68 -28.97
CA GLN B 524 -39.94 37.78 -29.85
C GLN B 524 -39.09 39.02 -29.59
N TRP B 525 -38.66 39.23 -28.35
CA TRP B 525 -37.76 40.34 -28.07
C TRP B 525 -36.42 40.17 -28.77
N ALA B 526 -35.91 38.93 -28.78
CA ALA B 526 -34.67 38.67 -29.50
C ALA B 526 -34.87 38.75 -31.01
N LYS B 527 -36.05 38.37 -31.51
CA LYS B 527 -36.34 38.54 -32.92
C LYS B 527 -36.35 40.03 -33.30
N ALA B 528 -36.94 40.87 -32.45
CA ALA B 528 -36.91 42.31 -32.66
C ALA B 528 -35.53 42.90 -32.40
N LEU B 529 -34.60 42.11 -31.87
CA LEU B 529 -33.23 42.56 -31.62
C LEU B 529 -32.37 42.51 -32.88
N ASN B 530 -32.97 42.24 -34.04
CA ASN B 530 -32.26 41.95 -35.29
C ASN B 530 -31.03 41.10 -35.04
N LEU B 531 -31.27 39.94 -34.40
CA LEU B 531 -30.22 39.02 -34.02
C LEU B 531 -30.33 37.73 -34.82
N GLY B 532 -29.17 37.16 -35.17
CA GLY B 532 -29.10 35.98 -35.99
C GLY B 532 -29.24 34.65 -35.28
N ASN B 533 -29.36 34.64 -33.96
CA ASN B 533 -29.49 33.39 -33.22
C ASN B 533 -30.60 33.54 -32.19
N ASP B 534 -30.96 32.41 -31.55
CA ASP B 534 -32.01 32.24 -30.58
C ASP B 534 -31.59 32.77 -29.21
N PRO B 535 -32.55 33.22 -28.41
CA PRO B 535 -32.25 33.58 -27.02
C PRO B 535 -32.11 32.34 -26.16
N PRO B 536 -31.54 32.51 -24.96
CA PRO B 536 -31.35 31.39 -24.02
C PRO B 536 -32.69 31.00 -23.45
N LEU B 537 -33.41 30.13 -24.12
CA LEU B 537 -34.72 29.69 -23.66
C LEU B 537 -34.69 28.86 -22.38
N LEU B 538 -35.86 28.73 -21.77
CA LEU B 538 -35.97 27.96 -20.55
C LEU B 538 -36.72 26.68 -20.77
N TYR B 539 -37.99 26.83 -21.15
CA TYR B 539 -38.92 25.72 -21.39
C TYR B 539 -38.45 24.30 -21.79
N PRO B 540 -37.69 24.17 -22.90
CA PRO B 540 -37.29 22.82 -23.33
C PRO B 540 -36.58 22.00 -22.25
N ILE B 541 -36.19 22.61 -21.14
CA ILE B 541 -35.63 21.87 -20.01
C ILE B 541 -36.72 21.47 -19.04
N VAL B 542 -37.61 22.40 -18.68
CA VAL B 542 -38.66 22.12 -17.71
C VAL B 542 -39.66 21.12 -18.28
N SER B 543 -39.97 21.23 -19.58
CA SER B 543 -40.91 20.30 -20.19
C SER B 543 -40.43 18.86 -20.08
N GLN B 544 -39.15 18.64 -20.32
CA GLN B 544 -38.60 17.29 -20.27
C GLN B 544 -38.30 16.85 -18.84
N MET B 545 -38.07 17.79 -17.92
CA MET B 545 -37.96 17.43 -16.52
C MET B 545 -39.29 16.94 -15.96
N PHE B 546 -40.36 17.71 -16.16
CA PHE B 546 -41.67 17.31 -15.66
C PHE B 546 -42.18 16.07 -16.41
N GLY B 547 -42.05 16.08 -17.73
CA GLY B 547 -42.52 14.98 -18.54
C GLY B 547 -43.53 15.40 -19.59
N LYS C 196 7.86 -6.60 -19.00
CA LYS C 196 8.68 -5.61 -18.29
C LYS C 196 8.29 -4.19 -18.67
N TYR C 197 8.13 -3.93 -19.97
CA TYR C 197 7.77 -2.61 -20.46
C TYR C 197 6.66 -2.68 -21.50
N LYS C 198 5.95 -3.80 -21.58
CA LYS C 198 5.07 -4.09 -22.70
C LYS C 198 3.84 -4.83 -22.18
N ASP C 199 2.67 -4.19 -22.20
CA ASP C 199 1.49 -4.71 -21.53
C ASP C 199 0.25 -4.61 -22.41
N TRP C 200 0.39 -5.04 -23.66
CA TRP C 200 -0.74 -5.39 -24.53
C TRP C 200 -1.54 -4.21 -25.06
N HIS C 201 -1.39 -3.02 -24.46
CA HIS C 201 -1.71 -1.74 -25.09
C HIS C 201 -2.91 -1.76 -26.04
N PHE C 202 -4.11 -2.04 -25.52
CA PHE C 202 -5.30 -2.11 -26.36
C PHE C 202 -5.45 -0.86 -27.23
N ILE C 203 -5.27 0.31 -26.63
CA ILE C 203 -5.35 1.58 -27.36
C ILE C 203 -3.97 1.86 -27.95
N SER C 204 -3.87 1.77 -29.28
CA SER C 204 -2.59 1.90 -29.98
C SER C 204 -2.41 3.24 -30.67
N LYS C 205 -3.39 3.67 -31.47
CA LYS C 205 -3.29 4.93 -32.19
C LYS C 205 -3.57 6.09 -31.23
N ASN C 206 -3.61 7.29 -31.77
CA ASN C 206 -3.95 8.46 -30.97
C ASN C 206 -5.47 8.58 -30.82
N CYS C 207 -5.89 9.46 -29.92
CA CYS C 207 -7.30 9.65 -29.64
C CYS C 207 -7.81 10.90 -30.36
N HIS C 208 -9.07 10.82 -30.82
CA HIS C 208 -9.72 11.95 -31.49
C HIS C 208 -10.16 12.94 -30.42
N TYR C 209 -9.18 13.70 -29.92
CA TYR C 209 -9.40 14.61 -28.80
C TYR C 209 -10.40 15.72 -29.11
N GLU C 210 -10.62 16.03 -30.39
CA GLU C 210 -11.57 17.08 -30.77
C GLU C 210 -13.00 16.58 -30.85
N GLN C 211 -13.23 15.38 -31.38
CA GLN C 211 -14.58 14.84 -31.42
C GLN C 211 -15.02 14.32 -30.06
N LEU C 212 -14.09 13.79 -29.26
CA LEU C 212 -14.44 13.33 -27.92
C LEU C 212 -14.76 14.52 -27.01
N MET C 213 -14.05 15.64 -27.20
CA MET C 213 -14.35 16.85 -26.44
C MET C 213 -15.75 17.35 -26.73
N ASP C 214 -16.17 17.33 -28.01
CA ASP C 214 -17.52 17.74 -28.36
C ASP C 214 -18.55 16.82 -27.72
N LEU C 215 -18.31 15.51 -27.75
CA LEU C 215 -19.25 14.56 -27.17
C LEU C 215 -19.37 14.75 -25.66
N GLU C 216 -18.28 15.13 -24.99
CA GLU C 216 -18.33 15.37 -23.55
C GLU C 216 -19.26 16.53 -23.21
N MET C 217 -19.18 17.62 -23.98
CA MET C 217 -19.99 18.81 -23.67
C MET C 217 -21.48 18.50 -23.78
N LYS C 218 -21.88 17.77 -24.81
CA LYS C 218 -23.29 17.40 -24.94
C LYS C 218 -23.72 16.46 -23.82
N ASP C 219 -22.84 15.53 -23.42
CA ASP C 219 -23.21 14.57 -22.39
C ASP C 219 -23.29 15.18 -21.00
N THR C 220 -22.42 16.16 -20.71
CA THR C 220 -22.39 16.71 -19.36
C THR C 220 -23.64 17.50 -19.01
N ALA C 221 -24.48 17.82 -19.99
CA ALA C 221 -25.76 18.46 -19.75
C ALA C 221 -26.89 17.44 -19.80
N TYR C 222 -26.55 16.15 -19.67
CA TYR C 222 -27.53 15.07 -19.73
C TYR C 222 -27.57 14.31 -18.42
N SER C 223 -27.10 14.93 -17.33
CA SER C 223 -27.19 14.34 -16.00
C SER C 223 -28.21 15.02 -15.09
N PHE C 224 -28.54 16.29 -15.35
CA PHE C 224 -29.64 16.96 -14.67
C PHE C 224 -30.92 16.97 -15.49
N LEU C 225 -30.98 16.16 -16.54
CA LEU C 225 -32.21 15.95 -17.29
C LEU C 225 -32.66 14.50 -17.27
N PHE C 226 -31.75 13.55 -17.10
CA PHE C 226 -32.05 12.13 -16.94
C PHE C 226 -31.15 11.59 -15.84
N GLY C 227 -31.04 10.26 -15.78
CA GLY C 227 -30.27 9.61 -14.73
C GLY C 227 -30.94 8.33 -14.27
N SER C 228 -32.26 8.26 -14.46
CA SER C 228 -33.04 7.05 -14.21
C SER C 228 -33.64 6.49 -15.49
N SER C 229 -34.32 7.31 -16.27
CA SER C 229 -34.88 6.87 -17.55
C SER C 229 -33.78 6.84 -18.61
N ARG C 230 -33.83 5.83 -19.47
CA ARG C 230 -32.85 5.70 -20.53
C ARG C 230 -33.23 6.53 -21.75
N GLU C 237 -31.15 7.46 -26.28
CA GLU C 237 -30.16 8.51 -26.18
C GLU C 237 -29.89 9.15 -27.54
N PHE C 238 -29.86 10.48 -27.56
CA PHE C 238 -29.53 11.23 -28.77
C PHE C 238 -28.38 12.21 -28.55
N VAL C 239 -27.77 12.19 -27.37
CA VAL C 239 -26.59 13.01 -27.12
C VAL C 239 -25.46 12.62 -28.07
N HIS C 240 -25.41 11.35 -28.41
CA HIS C 240 -24.35 10.89 -29.26
C HIS C 240 -24.81 10.08 -30.45
N LEU C 241 -24.59 10.60 -31.65
CA LEU C 241 -24.81 9.82 -32.86
C LEU C 241 -23.66 9.97 -33.83
N LYS C 242 -22.54 10.56 -33.39
CA LYS C 242 -21.29 10.46 -34.13
C LYS C 242 -20.67 9.07 -34.01
N CYS C 243 -21.16 8.26 -33.08
CA CYS C 243 -20.71 6.88 -32.89
C CYS C 243 -21.94 5.99 -32.88
N PRO C 244 -22.54 5.73 -34.06
CA PRO C 244 -23.77 4.93 -34.09
C PRO C 244 -23.61 3.53 -33.52
N SER C 245 -22.44 2.92 -33.66
CA SER C 245 -22.18 1.58 -33.16
C SER C 245 -20.97 1.61 -32.22
N ILE C 246 -20.88 0.58 -31.38
CA ILE C 246 -19.84 0.54 -30.36
C ILE C 246 -18.46 0.47 -30.99
N THR C 247 -18.34 -0.15 -32.17
CA THR C 247 -17.06 -0.19 -32.85
C THR C 247 -16.58 1.21 -33.22
N ASN C 248 -17.51 2.06 -33.65
CA ASN C 248 -17.15 3.45 -33.95
C ASN C 248 -16.67 4.17 -32.70
N LEU C 249 -17.31 3.91 -31.55
CA LEU C 249 -16.87 4.52 -30.31
C LEU C 249 -15.46 4.06 -29.94
N LEU C 250 -15.19 2.75 -30.09
CA LEU C 250 -13.86 2.24 -29.78
C LEU C 250 -12.81 2.83 -30.71
N VAL C 251 -13.15 2.99 -32.00
CA VAL C 251 -12.24 3.66 -32.92
C VAL C 251 -11.99 5.09 -32.48
N LEU C 252 -13.04 5.77 -32.02
CA LEU C 252 -12.89 7.13 -31.50
C LEU C 252 -11.94 7.16 -30.31
N PHE C 253 -11.98 6.12 -29.47
CA PHE C 253 -11.10 6.08 -28.30
C PHE C 253 -9.63 6.08 -28.70
N GLY C 254 -9.30 5.49 -29.84
CA GLY C 254 -7.91 5.36 -30.27
C GLY C 254 -7.51 3.93 -30.56
N VAL C 255 -8.48 3.08 -30.88
CA VAL C 255 -8.23 1.69 -31.24
C VAL C 255 -8.29 1.58 -32.76
N ASN C 256 -7.67 0.53 -33.28
CA ASN C 256 -7.63 0.28 -34.72
C ASN C 256 -8.82 -0.58 -35.14
N GLN C 257 -8.80 -1.01 -36.40
CA GLN C 257 -9.95 -1.69 -36.98
C GLN C 257 -10.07 -3.12 -36.46
N GLU C 258 -11.27 -3.68 -36.62
CA GLU C 258 -11.63 -5.02 -36.18
C GLU C 258 -11.54 -5.18 -34.67
N LYS C 259 -11.62 -4.08 -33.93
CA LYS C 259 -11.58 -4.11 -32.48
C LYS C 259 -12.49 -3.05 -31.90
N LEU C 263 -11.14 -8.77 -30.82
CA LEU C 263 -11.29 -8.81 -29.36
C LEU C 263 -10.73 -10.11 -28.80
N LYS C 264 -9.41 -10.25 -28.85
CA LYS C 264 -8.73 -11.46 -28.39
C LYS C 264 -7.24 -11.19 -28.39
N ILE C 265 -6.52 -11.90 -27.53
CA ILE C 265 -5.07 -11.87 -27.47
C ILE C 265 -4.56 -13.27 -27.75
N ASN C 266 -3.63 -13.39 -28.70
CA ASN C 266 -3.14 -14.69 -29.14
C ASN C 266 -1.64 -14.90 -28.95
N TYR C 267 -0.84 -13.83 -28.87
CA TYR C 267 0.59 -13.89 -28.61
C TYR C 267 1.41 -14.50 -29.73
N GLU C 268 0.77 -14.88 -30.85
CA GLU C 268 1.54 -15.27 -32.03
C GLU C 268 2.42 -14.14 -32.52
N LYS C 269 1.89 -12.92 -32.58
CA LYS C 269 2.65 -11.76 -33.01
C LYS C 269 3.14 -10.92 -31.82
N LYS C 270 3.46 -11.58 -30.70
CA LYS C 270 3.95 -10.90 -29.50
C LYS C 270 2.95 -9.84 -29.06
N GLU C 271 1.67 -10.22 -29.06
CA GLU C 271 0.58 -9.26 -28.92
C GLU C 271 0.64 -8.54 -27.58
N ASN C 272 0.83 -9.29 -26.49
CA ASN C 272 1.00 -8.63 -25.20
C ASN C 272 2.47 -8.34 -24.94
N SER C 273 3.14 -7.81 -25.96
CA SER C 273 4.52 -7.38 -25.83
C SER C 273 4.82 -6.12 -26.63
N ARG C 274 3.79 -5.39 -27.06
CA ARG C 274 4.00 -4.16 -27.80
C ARG C 274 4.59 -3.07 -26.90
N TYR C 275 5.43 -2.24 -27.49
CA TYR C 275 6.19 -1.24 -26.73
C TYR C 275 5.30 -0.04 -26.42
N ASP C 276 5.90 1.06 -25.98
CA ASP C 276 5.14 2.17 -25.42
C ASP C 276 4.18 2.77 -26.44
N ASN C 277 4.70 3.33 -27.53
CA ASN C 277 3.88 3.98 -28.56
C ASN C 277 3.04 5.09 -27.95
N LEU C 278 3.74 6.15 -27.54
CA LEU C 278 3.21 7.14 -26.60
C LEU C 278 2.09 7.94 -27.25
N CYS C 279 0.91 7.34 -27.29
CA CYS C 279 -0.29 7.97 -27.79
C CYS C 279 -1.14 8.45 -26.63
N THR C 280 -1.66 9.68 -26.74
CA THR C 280 -2.50 10.24 -25.69
C THR C 280 -3.87 9.56 -25.69
N ILE C 281 -4.43 9.39 -24.51
CA ILE C 281 -5.73 8.76 -24.33
C ILE C 281 -6.63 9.67 -23.50
N PHE C 282 -7.94 9.43 -23.62
CA PHE C 282 -8.96 10.16 -22.88
C PHE C 282 -9.06 9.62 -21.45
N PRO C 283 -9.50 10.46 -20.50
CA PRO C 283 -9.63 10.00 -19.12
C PRO C 283 -10.56 8.80 -19.01
N VAL C 284 -10.22 7.87 -18.12
CA VAL C 284 -10.94 6.61 -18.03
C VAL C 284 -12.35 6.82 -17.48
N ASN C 285 -12.53 7.75 -16.55
CA ASN C 285 -13.85 7.97 -15.98
C ASN C 285 -14.85 8.48 -17.02
N LYS C 286 -14.36 9.08 -18.10
CA LYS C 286 -15.23 9.47 -19.21
C LYS C 286 -15.35 8.40 -20.28
N MET C 287 -14.27 7.64 -20.51
CA MET C 287 -14.35 6.55 -21.47
C MET C 287 -15.34 5.48 -21.02
N LEU C 288 -15.36 5.18 -19.72
CA LEU C 288 -16.35 4.25 -19.19
C LEU C 288 -17.74 4.87 -19.10
N LYS C 289 -17.83 6.19 -18.96
CA LYS C 289 -19.13 6.85 -18.95
C LYS C 289 -19.79 6.79 -20.32
N PHE C 290 -19.01 7.09 -21.38
CA PHE C 290 -19.56 7.02 -22.74
C PHE C 290 -19.83 5.58 -23.16
N LEU C 291 -19.12 4.63 -22.57
CA LEU C 291 -19.22 3.24 -23.02
C LEU C 291 -20.50 2.55 -22.58
N MET C 292 -21.00 2.87 -21.39
CA MET C 292 -22.19 2.18 -20.90
C MET C 292 -23.46 2.56 -21.64
N TYR C 293 -23.43 3.63 -22.45
CA TYR C 293 -24.61 3.97 -23.24
C TYR C 293 -24.95 2.88 -24.25
N PHE C 294 -24.01 1.97 -24.52
CA PHE C 294 -24.21 0.88 -25.48
C PHE C 294 -24.47 -0.46 -24.82
N TYR C 295 -25.19 -0.48 -23.70
CA TYR C 295 -25.51 -1.76 -23.07
C TYR C 295 -26.54 -2.53 -23.89
N SER C 296 -27.75 -1.99 -24.02
CA SER C 296 -28.89 -2.72 -24.55
C SER C 296 -29.06 -4.05 -23.81
N ASP C 297 -29.34 -3.91 -22.51
CA ASP C 297 -29.41 -5.08 -21.63
C ASP C 297 -30.43 -6.10 -22.13
N ASP C 298 -31.57 -5.64 -22.61
CA ASP C 298 -32.58 -6.51 -23.21
C ASP C 298 -32.43 -6.46 -24.73
N ASP C 299 -31.43 -7.18 -25.22
CA ASP C 299 -31.13 -7.21 -26.65
C ASP C 299 -30.41 -8.51 -26.97
N ASN C 300 -29.79 -8.56 -28.14
CA ASN C 300 -29.12 -9.77 -28.62
C ASN C 300 -27.96 -10.13 -27.70
N ASP C 301 -27.69 -11.45 -27.62
CA ASP C 301 -26.59 -11.92 -26.79
C ASP C 301 -25.24 -11.52 -27.37
N ASP C 302 -25.11 -11.50 -28.70
CA ASP C 302 -23.80 -11.24 -29.30
C ASP C 302 -23.32 -9.82 -29.04
N VAL C 303 -24.21 -8.83 -29.11
CA VAL C 303 -23.80 -7.46 -28.81
C VAL C 303 -23.47 -7.30 -27.33
N ARG C 304 -24.22 -7.95 -26.44
CA ARG C 304 -23.90 -7.90 -25.02
C ARG C 304 -22.53 -8.50 -24.73
N GLU C 305 -22.22 -9.65 -25.34
CA GLU C 305 -20.92 -10.25 -25.13
C GLU C 305 -19.82 -9.41 -25.75
N PHE C 306 -20.09 -8.77 -26.89
CA PHE C 306 -19.12 -7.86 -27.48
C PHE C 306 -18.82 -6.69 -26.54
N PHE C 307 -19.88 -6.14 -25.92
CA PHE C 307 -19.68 -5.07 -24.95
C PHE C 307 -18.85 -5.55 -23.78
N LEU C 308 -19.15 -6.75 -23.27
CA LEU C 308 -18.40 -7.30 -22.14
C LEU C 308 -16.92 -7.45 -22.48
N LYS C 309 -16.63 -8.04 -23.64
CA LYS C 309 -15.23 -8.28 -24.00
C LYS C 309 -14.50 -6.98 -24.32
N ALA C 310 -15.17 -6.00 -24.94
CA ALA C 310 -14.54 -4.71 -25.17
C ALA C 310 -14.23 -4.02 -23.84
N PHE C 311 -15.17 -4.09 -22.89
CA PHE C 311 -14.93 -3.56 -21.56
C PHE C 311 -13.71 -4.22 -20.93
N ILE C 312 -13.64 -5.55 -21.01
CA ILE C 312 -12.54 -6.28 -20.39
C ILE C 312 -11.21 -5.89 -21.02
N CYS C 313 -11.15 -5.87 -22.35
CA CYS C 313 -9.90 -5.51 -23.03
C CYS C 313 -9.49 -4.09 -22.68
N LEU C 314 -10.47 -3.19 -22.54
CA LEU C 314 -10.16 -1.82 -22.14
C LEU C 314 -9.69 -1.75 -20.70
N ILE C 315 -10.06 -2.72 -19.86
CA ILE C 315 -9.68 -2.70 -18.45
C ILE C 315 -8.19 -2.92 -18.25
N LEU C 316 -7.65 -3.96 -18.87
CA LEU C 316 -6.34 -4.49 -18.49
C LEU C 316 -5.26 -4.25 -19.54
N ASP C 317 -5.21 -3.04 -20.09
CA ASP C 317 -4.07 -2.57 -20.85
C ASP C 317 -3.36 -1.48 -20.07
N ARG C 318 -2.03 -1.40 -20.23
CA ARG C 318 -1.23 -0.55 -19.37
C ARG C 318 -1.64 0.91 -19.45
N LYS C 319 -2.14 1.36 -20.59
CA LYS C 319 -2.51 2.76 -20.73
C LYS C 319 -3.63 3.13 -19.77
N VAL C 320 -4.73 2.36 -19.79
CA VAL C 320 -5.85 2.64 -18.89
C VAL C 320 -5.48 2.28 -17.46
N PHE C 321 -4.87 1.11 -17.26
CA PHE C 321 -4.63 0.61 -15.91
C PHE C 321 -3.71 1.53 -15.12
N ASN C 322 -2.72 2.13 -15.77
CA ASN C 322 -1.77 2.99 -15.07
C ASN C 322 -2.32 4.39 -14.80
N ALA C 323 -3.46 4.75 -15.39
CA ALA C 323 -4.04 6.08 -15.22
C ALA C 323 -5.51 5.97 -14.86
N MET C 324 -5.82 5.05 -13.95
CA MET C 324 -7.16 4.92 -13.41
C MET C 324 -7.30 5.78 -12.16
N GLU C 325 -8.54 6.11 -11.83
CA GLU C 325 -8.81 6.96 -10.67
C GLU C 325 -9.02 6.11 -9.43
N SER C 326 -8.46 6.57 -8.31
CA SER C 326 -8.55 5.82 -7.06
C SER C 326 -9.98 5.74 -6.53
N ASP C 327 -10.89 6.57 -7.04
CA ASP C 327 -12.30 6.47 -6.64
C ASP C 327 -12.84 5.09 -7.00
N HIS C 328 -12.56 4.63 -8.22
CA HIS C 328 -12.76 3.23 -8.62
C HIS C 328 -14.21 2.80 -8.42
N ARG C 329 -15.13 3.66 -8.83
CA ARG C 329 -16.56 3.39 -8.66
C ARG C 329 -17.24 2.94 -9.94
N LEU C 330 -16.77 3.38 -11.10
CA LEU C 330 -17.43 3.04 -12.36
C LEU C 330 -17.20 1.57 -12.72
N CYS C 331 -15.97 1.09 -12.54
CA CYS C 331 -15.64 -0.27 -12.98
C CYS C 331 -16.45 -1.32 -12.24
N PHE C 332 -16.61 -1.14 -10.92
CA PHE C 332 -17.47 -2.06 -10.18
C PHE C 332 -18.90 -2.00 -10.66
N LYS C 333 -19.39 -0.80 -10.98
CA LYS C 333 -20.75 -0.70 -11.52
C LYS C 333 -20.89 -1.48 -12.82
N VAL C 334 -19.89 -1.40 -13.70
CA VAL C 334 -19.92 -2.22 -14.91
C VAL C 334 -19.79 -3.71 -14.58
N LEU C 335 -19.15 -4.05 -13.47
CA LEU C 335 -19.00 -5.46 -13.10
C LEU C 335 -20.30 -6.09 -12.65
N GLU C 336 -21.08 -5.39 -11.79
CA GLU C 336 -22.30 -5.96 -11.26
C GLU C 336 -23.34 -6.26 -12.34
N LEU C 337 -23.17 -5.69 -13.53
CA LEU C 337 -24.07 -5.97 -14.64
C LEU C 337 -23.99 -7.42 -15.11
N PHE C 338 -22.95 -8.15 -14.72
CA PHE C 338 -22.78 -9.56 -15.07
C PHE C 338 -22.44 -10.35 -13.82
N ASN C 339 -22.80 -11.64 -13.83
CA ASN C 339 -22.44 -12.55 -12.75
C ASN C 339 -21.04 -13.11 -13.00
N GLU C 340 -20.30 -13.32 -11.92
CA GLU C 340 -18.91 -13.72 -12.02
C GLU C 340 -18.72 -15.06 -12.72
N ALA C 341 -19.75 -15.90 -12.80
CA ALA C 341 -19.62 -17.12 -13.59
C ALA C 341 -19.56 -16.82 -15.08
N HIS C 342 -20.32 -15.82 -15.56
CA HIS C 342 -20.25 -15.43 -16.95
C HIS C 342 -19.15 -14.41 -17.21
N PHE C 343 -18.64 -13.75 -16.17
CA PHE C 343 -17.49 -12.88 -16.30
C PHE C 343 -16.17 -13.65 -16.22
N ILE C 344 -16.21 -14.93 -15.88
CA ILE C 344 -15.01 -15.76 -15.78
C ILE C 344 -15.03 -16.95 -16.71
N ASN C 345 -16.21 -17.47 -17.10
CA ASN C 345 -16.28 -18.47 -18.16
C ASN C 345 -16.08 -17.81 -19.52
N SER C 346 -16.96 -16.87 -19.88
CA SER C 346 -16.73 -16.01 -21.03
C SER C 346 -15.89 -14.83 -20.58
N TYR C 347 -14.74 -15.11 -19.99
CA TYR C 347 -13.95 -14.12 -19.28
C TYR C 347 -13.14 -13.28 -20.24
N PHE C 348 -12.21 -12.52 -19.67
CA PHE C 348 -11.07 -12.03 -20.42
C PHE C 348 -10.44 -13.17 -21.20
N GLU C 349 -10.27 -12.95 -22.51
CA GLU C 349 -9.93 -14.03 -23.44
C GLU C 349 -8.44 -14.20 -23.63
N ILE C 350 -7.65 -13.89 -22.61
CA ILE C 350 -6.25 -14.26 -22.60
C ILE C 350 -6.15 -15.74 -22.29
N VAL C 351 -5.04 -16.37 -22.69
CA VAL C 351 -4.89 -17.80 -22.47
C VAL C 351 -4.78 -18.06 -20.98
N ASP C 352 -5.11 -19.29 -20.56
CA ASP C 352 -5.22 -19.58 -19.14
C ASP C 352 -3.89 -20.02 -18.55
N LYS C 353 -3.31 -21.09 -19.09
CA LYS C 353 -2.16 -21.75 -18.48
C LYS C 353 -0.97 -20.82 -18.31
N ASN C 354 -0.34 -20.45 -19.41
CA ASN C 354 0.93 -19.72 -19.33
C ASN C 354 0.76 -18.26 -18.91
N ASP C 355 -0.43 -17.68 -19.10
CA ASP C 355 -0.60 -16.24 -18.92
C ASP C 355 -1.07 -15.96 -17.49
N PHE C 356 -0.11 -15.74 -16.60
CA PHE C 356 -0.40 -15.33 -15.23
C PHE C 356 0.04 -13.89 -14.96
N PHE C 357 0.35 -13.14 -16.00
CA PHE C 357 0.73 -11.73 -15.83
C PHE C 357 -0.48 -10.81 -15.80
N LEU C 358 -1.50 -11.10 -16.58
CA LEU C 358 -2.74 -10.34 -16.53
C LEU C 358 -3.75 -10.92 -15.54
N HIS C 359 -3.52 -12.14 -15.06
CA HIS C 359 -4.33 -12.65 -13.95
C HIS C 359 -4.10 -11.83 -12.69
N TYR C 360 -2.84 -11.54 -12.39
CA TYR C 360 -2.53 -10.67 -11.26
C TYR C 360 -3.03 -9.26 -11.49
N ARG C 361 -3.08 -8.80 -12.74
CA ARG C 361 -3.66 -7.49 -13.03
C ARG C 361 -5.16 -7.47 -12.77
N LEU C 362 -5.87 -8.51 -13.20
CA LEU C 362 -7.30 -8.60 -12.90
C LEU C 362 -7.53 -8.65 -11.40
N LEU C 363 -6.84 -9.54 -10.70
CA LEU C 363 -6.97 -9.59 -9.25
C LEU C 363 -6.09 -8.54 -8.61
N GLN C 364 -6.19 -7.32 -9.13
CA GLN C 364 -5.58 -6.14 -8.54
C GLN C 364 -6.54 -4.96 -8.55
N ILE C 365 -7.60 -5.03 -9.35
CA ILE C 365 -8.70 -4.08 -9.27
C ILE C 365 -10.02 -4.75 -8.94
N PHE C 366 -10.15 -6.06 -9.13
CA PHE C 366 -11.33 -6.83 -8.73
C PHE C 366 -10.88 -7.93 -7.79
N PRO C 367 -10.43 -7.59 -6.57
CA PRO C 367 -9.86 -8.60 -5.69
C PRO C 367 -10.81 -9.72 -5.33
N HIS C 368 -12.11 -9.44 -5.22
CA HIS C 368 -13.07 -10.47 -4.83
C HIS C 368 -13.23 -11.55 -5.88
N LEU C 369 -12.51 -11.48 -6.99
CA LEU C 369 -12.46 -12.55 -7.98
C LEU C 369 -11.35 -13.55 -7.70
N GLN C 370 -10.64 -13.40 -6.57
CA GLN C 370 -9.46 -14.23 -6.30
C GLN C 370 -9.79 -15.71 -6.33
N SER C 371 -10.92 -16.10 -5.74
CA SER C 371 -11.35 -17.50 -5.74
C SER C 371 -12.35 -17.79 -6.84
N ALA C 372 -12.61 -16.82 -7.72
CA ALA C 372 -13.54 -17.01 -8.83
C ALA C 372 -12.88 -17.61 -10.06
N LEU C 373 -11.66 -17.18 -10.39
CA LEU C 373 -10.94 -17.75 -11.52
C LEU C 373 -10.02 -18.90 -11.13
N LEU C 374 -9.60 -18.97 -9.87
CA LEU C 374 -8.74 -20.07 -9.43
C LEU C 374 -9.44 -21.42 -9.51
N ARG C 375 -10.77 -21.45 -9.49
CA ARG C 375 -11.51 -22.68 -9.69
C ARG C 375 -11.94 -22.85 -11.14
N ARG C 376 -11.63 -21.90 -12.01
CA ARG C 376 -11.84 -22.07 -13.44
C ARG C 376 -10.57 -22.57 -14.14
N ARG C 377 -9.44 -21.92 -13.89
CA ARG C 377 -8.18 -22.39 -14.44
C ARG C 377 -7.81 -23.76 -13.87
N PHE C 378 -7.82 -23.87 -12.54
CA PHE C 378 -7.57 -25.15 -11.86
C PHE C 378 -8.90 -25.86 -11.61
N SER C 379 -9.39 -26.53 -12.65
CA SER C 379 -10.65 -27.25 -12.56
C SER C 379 -10.42 -28.71 -12.17
N THR C 387 -8.70 -31.48 -4.81
CA THR C 387 -7.89 -31.81 -5.98
C THR C 387 -7.25 -30.56 -6.56
N ILE C 388 -7.81 -29.39 -6.23
CA ILE C 388 -7.22 -28.14 -6.68
C ILE C 388 -5.87 -27.91 -6.02
N GLN C 389 -5.73 -28.30 -4.75
CA GLN C 389 -4.47 -28.14 -4.03
C GLN C 389 -3.32 -28.89 -4.71
N GLN C 390 -3.56 -30.11 -5.20
CA GLN C 390 -2.53 -30.85 -5.90
C GLN C 390 -2.35 -30.40 -7.34
N ASN C 391 -3.32 -29.66 -7.90
CA ASN C 391 -3.16 -29.11 -9.24
C ASN C 391 -2.28 -27.87 -9.26
N ILE C 392 -2.26 -27.08 -8.18
CA ILE C 392 -1.43 -25.89 -8.14
C ILE C 392 0.05 -26.26 -8.06
N ILE C 393 0.40 -27.24 -7.24
CA ILE C 393 1.79 -27.69 -7.19
C ILE C 393 2.20 -28.38 -8.49
N LYS C 394 1.28 -29.06 -9.16
CA LYS C 394 1.59 -29.65 -10.45
C LYS C 394 1.92 -28.57 -11.48
N GLU C 395 1.19 -27.46 -11.47
CA GLU C 395 1.47 -26.34 -12.36
C GLU C 395 2.56 -25.42 -11.81
N PHE C 396 3.15 -25.76 -10.67
CA PHE C 396 4.35 -25.09 -10.20
C PHE C 396 5.62 -25.75 -10.72
N ASN C 397 5.64 -27.08 -10.79
CA ASN C 397 6.77 -27.77 -11.39
C ASN C 397 6.92 -27.43 -12.86
N GLU C 398 5.80 -27.36 -13.59
CA GLU C 398 5.86 -27.06 -15.02
C GLU C 398 6.45 -25.67 -15.28
N PHE C 399 6.26 -24.75 -14.35
CA PHE C 399 6.93 -23.45 -14.41
C PHE C 399 8.22 -23.42 -13.62
N PHE C 400 8.61 -24.56 -13.04
CA PHE C 400 9.88 -24.69 -12.32
C PHE C 400 10.91 -25.48 -13.12
N ASP C 401 10.52 -26.64 -13.65
CA ASP C 401 11.39 -27.34 -14.60
C ASP C 401 11.15 -26.86 -16.02
N CYS C 402 11.13 -25.53 -16.15
CA CYS C 402 11.14 -24.85 -17.44
C CYS C 402 11.98 -23.58 -17.38
N LYS C 403 12.59 -23.28 -16.23
CA LYS C 403 13.37 -22.06 -16.03
C LYS C 403 12.52 -20.82 -16.33
N ASN C 404 11.23 -20.91 -16.00
CA ASN C 404 10.29 -19.79 -16.19
C ASN C 404 10.16 -18.99 -14.90
N TYR C 405 11.25 -18.27 -14.58
CA TYR C 405 11.37 -17.55 -13.32
C TYR C 405 10.70 -16.18 -13.34
N LYS C 406 10.03 -15.83 -14.44
CA LYS C 406 9.27 -14.59 -14.53
C LYS C 406 7.77 -14.80 -14.52
N ASN C 407 7.28 -15.87 -15.15
CA ASN C 407 5.88 -16.24 -15.10
C ASN C 407 5.57 -17.11 -13.89
N LEU C 408 6.57 -17.41 -13.06
CA LEU C 408 6.37 -18.04 -11.77
C LEU C 408 6.17 -17.04 -10.66
N LEU C 409 6.78 -15.85 -10.77
CA LEU C 409 6.60 -14.81 -9.77
C LEU C 409 5.15 -14.33 -9.74
N TYR C 410 4.51 -14.22 -10.90
CA TYR C 410 3.11 -13.82 -10.96
C TYR C 410 2.16 -14.99 -10.79
N PHE C 411 2.67 -16.22 -10.77
CA PHE C 411 1.88 -17.36 -10.35
C PHE C 411 1.73 -17.39 -8.83
N ILE C 412 2.78 -17.01 -8.10
CA ILE C 412 2.71 -16.96 -6.65
C ILE C 412 1.83 -15.81 -6.19
N LEU C 413 2.00 -14.63 -6.80
CA LEU C 413 1.25 -13.45 -6.40
C LEU C 413 -0.23 -13.56 -6.70
N THR C 414 -0.63 -14.50 -7.57
CA THR C 414 -2.02 -14.61 -7.99
C THR C 414 -2.84 -15.49 -7.05
N MET C 415 -2.33 -16.69 -6.74
CA MET C 415 -3.13 -17.71 -6.06
C MET C 415 -2.92 -17.75 -4.55
N TYR C 416 -2.10 -16.86 -3.99
CA TYR C 416 -1.92 -16.81 -2.54
C TYR C 416 -3.04 -16.00 -1.90
N GLY C 417 -3.68 -16.59 -0.90
CA GLY C 417 -4.79 -15.97 -0.20
C GLY C 417 -6.12 -16.66 -0.37
N SER C 418 -6.22 -17.64 -1.27
CA SER C 418 -7.49 -18.31 -1.54
C SER C 418 -7.72 -19.40 -0.50
N LYS C 419 -8.74 -20.23 -0.74
CA LYS C 419 -9.08 -21.34 0.13
C LYS C 419 -8.09 -22.50 0.00
N PHE C 420 -7.35 -22.58 -1.10
CA PHE C 420 -6.44 -23.67 -1.37
C PHE C 420 -5.01 -23.39 -0.92
N ILE C 421 -4.55 -22.15 -1.06
CA ILE C 421 -3.18 -21.78 -0.68
C ILE C 421 -3.25 -20.60 0.29
N PRO C 422 -3.52 -20.84 1.56
CA PRO C 422 -3.69 -19.75 2.53
C PRO C 422 -2.33 -19.20 2.97
N PHE C 423 -2.39 -18.11 3.74
CA PHE C 423 -1.20 -17.52 4.34
C PHE C 423 -0.81 -18.36 5.56
N GLY C 424 0.14 -17.85 6.35
CA GLY C 424 0.48 -18.46 7.60
C GLY C 424 1.68 -19.38 7.52
N PRO C 425 2.22 -19.75 8.69
CA PRO C 425 3.39 -20.64 8.71
C PRO C 425 3.03 -22.10 8.41
N LYS C 426 1.80 -22.32 7.97
CA LYS C 426 1.33 -23.64 7.56
C LYS C 426 1.43 -24.65 8.69
N GLU C 431 2.43 -26.46 1.28
CA GLU C 431 3.39 -25.57 0.65
C GLU C 431 4.81 -26.04 0.87
N TYR C 432 5.46 -26.46 -0.22
CA TYR C 432 6.89 -26.78 -0.21
C TYR C 432 7.66 -25.89 -1.18
N PHE C 433 7.06 -24.76 -1.56
CA PHE C 433 7.66 -23.90 -2.58
C PHE C 433 8.98 -23.32 -2.10
N LYS C 434 9.03 -22.86 -0.84
CA LYS C 434 10.26 -22.26 -0.32
C LYS C 434 11.43 -23.23 -0.34
N ASP C 435 11.15 -24.54 -0.32
CA ASP C 435 12.22 -25.52 -0.51
C ASP C 435 12.72 -25.51 -1.95
N CYS C 436 11.79 -25.51 -2.91
CA CYS C 436 12.18 -25.54 -4.32
C CYS C 436 12.90 -24.25 -4.73
N ILE C 437 12.64 -23.15 -4.04
CA ILE C 437 13.27 -21.89 -4.39
C ILE C 437 14.44 -21.68 -3.43
N LEU C 438 14.93 -22.78 -2.85
CA LEU C 438 16.17 -22.75 -2.09
C LEU C 438 17.30 -23.56 -2.69
N ASP C 439 17.01 -24.69 -3.35
CA ASP C 439 18.04 -25.45 -4.03
C ASP C 439 18.59 -24.73 -5.26
N ILE C 440 17.74 -24.09 -6.04
CA ILE C 440 18.19 -23.24 -7.14
C ILE C 440 18.41 -21.78 -6.72
N SER C 441 19.50 -21.56 -5.99
CA SER C 441 19.97 -20.19 -5.73
C SER C 441 21.49 -20.13 -5.70
N ASN C 442 22.19 -21.16 -6.16
CA ASN C 442 23.62 -21.31 -5.95
C ASN C 442 24.47 -20.45 -6.88
N GLU C 443 23.91 -19.97 -7.99
CA GLU C 443 24.69 -19.16 -8.91
C GLU C 443 25.02 -17.78 -8.35
N THR C 444 24.17 -17.23 -7.49
CA THR C 444 24.30 -15.91 -6.87
C THR C 444 24.23 -14.80 -7.91
N THR C 445 24.16 -15.17 -9.20
CA THR C 445 24.05 -14.23 -10.31
C THR C 445 23.04 -14.78 -11.31
N ASN C 446 22.26 -15.76 -10.86
CA ASN C 446 21.37 -16.52 -11.73
C ASN C 446 20.31 -15.65 -12.39
N ASP C 447 19.43 -15.06 -11.60
CA ASP C 447 18.30 -14.31 -12.13
C ASP C 447 17.80 -13.35 -11.07
N VAL C 448 17.28 -12.20 -11.51
CA VAL C 448 16.78 -11.18 -10.57
C VAL C 448 15.33 -11.38 -10.21
N GLU C 449 14.62 -12.28 -10.90
CA GLU C 449 13.25 -12.63 -10.57
C GLU C 449 13.19 -13.95 -9.81
N ILE C 450 14.26 -14.28 -9.09
CA ILE C 450 14.33 -15.49 -8.29
C ILE C 450 14.76 -15.14 -6.88
N SER C 451 15.31 -13.93 -6.71
CA SER C 451 15.57 -13.38 -5.39
C SER C 451 14.43 -12.48 -4.95
N ILE C 452 13.46 -12.26 -5.85
CA ILE C 452 12.19 -11.65 -5.50
C ILE C 452 11.19 -12.71 -5.06
N LEU C 453 11.15 -13.84 -5.77
CA LEU C 453 10.19 -14.90 -5.54
C LEU C 453 10.38 -15.55 -4.18
N LYS C 454 11.57 -15.44 -3.61
CA LYS C 454 11.83 -15.98 -2.28
C LYS C 454 11.69 -14.95 -1.18
N GLY C 455 11.74 -13.66 -1.49
CA GLY C 455 11.48 -12.64 -0.51
C GLY C 455 10.00 -12.41 -0.32
N ILE C 456 9.23 -12.61 -1.40
CA ILE C 456 7.78 -12.58 -1.29
C ILE C 456 7.25 -13.79 -0.54
N LEU C 457 7.76 -14.99 -0.84
CA LEU C 457 7.34 -16.20 -0.15
C LEU C 457 7.75 -16.24 1.31
N ASN C 458 8.80 -15.51 1.69
CA ASN C 458 9.19 -15.38 3.08
C ASN C 458 8.26 -14.43 3.83
N LEU C 459 7.55 -13.56 3.10
CA LEU C 459 6.58 -12.65 3.69
C LEU C 459 5.16 -13.21 3.69
N PHE C 460 4.83 -14.12 2.78
CA PHE C 460 3.53 -14.77 2.74
C PHE C 460 3.42 -15.89 3.75
N SER C 461 4.50 -16.20 4.45
CA SER C 461 4.50 -17.17 5.54
C SER C 461 4.30 -16.52 6.90
N LYS C 462 4.87 -15.34 7.11
CA LYS C 462 4.66 -14.58 8.35
C LYS C 462 3.45 -13.65 8.22
N ILE C 463 2.32 -14.19 7.81
CA ILE C 463 1.09 -13.42 7.71
C ILE C 463 -0.06 -14.29 8.20
N ARG C 464 -0.81 -13.82 9.19
CA ARG C 464 -1.93 -14.58 9.73
C ARG C 464 -3.21 -13.75 9.77
#